data_1LOC
#
_entry.id   1LOC
#
_cell.length_a   56.580
_cell.length_b   139.800
_cell.length_c   63.400
_cell.angle_alpha   90.00
_cell.angle_beta   91.50
_cell.angle_gamma   90.00
#
_symmetry.space_group_name_H-M   'P 1 21 1'
#
loop_
_entity.id
_entity.type
_entity.pdbx_description
1 polymer 'LEGUME ISOLECTIN I (ALPHA CHAIN)'
2 polymer 'LEGUME ISOLECTIN I (BETA CHAIN)'
3 polymer 'MURAMYL-DIPEPTIDE D-ALA-D-IGLN'
4 non-polymer 'CALCIUM ION'
5 non-polymer 'MANGANESE (II) ION'
6 non-polymer 'N-carboxyl-N-methyl-beta-muramic acid'
7 water water
#
loop_
_entity_poly.entity_id
_entity_poly.type
_entity_poly.pdbx_seq_one_letter_code
_entity_poly.pdbx_strand_id
1 'polypeptide(L)'
;TETTSFSITKFGPDQQNLIFQGDGYTTKERLTLTKAVRNTVGRALYSSPIHIWDSKTGNVANFVTSFTFVIDAPNSYNVA
DGFTFFIAPVDTKPQTGGGYLGVFNSKDYDKTSQTVAVEFDTFYNTAWDPSNGDRHIGIDVNSIKSINTKSWALQNGKEA
NVVIAFNAATNVLTVSLTYPN
;
A,C,E,G
2 'polypeptide(L)' ETSYTLNEVVPLKEFVPEWVRIGFSATTGAEFAAHEVLSWYFHSELAGTSSS B,D,F,H
3 'polypeptide(L)' (DAL)(ZGL) 1,2,3,4
#
# COMPACT_ATOMS: atom_id res chain seq x y z
N THR A 1 23.50 -2.17 12.91
CA THR A 1 22.83 -1.25 12.03
C THR A 1 21.52 -0.78 12.63
N GLU A 2 21.32 0.53 12.44
CA GLU A 2 20.13 1.26 12.87
C GLU A 2 19.73 2.17 11.77
N THR A 3 18.44 2.16 11.36
CA THR A 3 17.95 3.15 10.41
C THR A 3 16.70 3.79 10.98
N THR A 4 16.44 5.06 10.69
CA THR A 4 15.21 5.74 11.03
C THR A 4 14.77 6.40 9.74
N SER A 5 13.51 6.26 9.33
CA SER A 5 13.01 6.89 8.14
C SER A 5 11.58 7.38 8.40
N PHE A 6 11.14 8.46 7.75
CA PHE A 6 9.75 8.91 7.76
C PHE A 6 9.50 9.85 6.57
N SER A 7 8.27 10.01 6.08
CA SER A 7 7.97 11.06 5.17
C SER A 7 6.57 11.55 5.49
N ILE A 8 6.34 12.85 5.29
CA ILE A 8 5.07 13.52 5.56
C ILE A 8 5.02 14.43 4.38
N THR A 9 4.18 14.03 3.47
CA THR A 9 3.95 14.78 2.27
C THR A 9 2.83 15.82 2.31
N LYS A 10 2.00 15.75 3.36
CA LYS A 10 0.81 16.55 3.58
C LYS A 10 0.69 16.54 5.08
N PHE A 11 0.74 17.63 5.79
CA PHE A 11 0.67 17.71 7.24
C PHE A 11 -0.77 17.81 7.59
N GLY A 12 -1.28 17.29 8.70
CA GLY A 12 -2.69 17.30 8.96
C GLY A 12 -2.89 18.02 10.24
N PRO A 13 -4.09 18.35 10.70
CA PRO A 13 -4.26 19.10 11.92
C PRO A 13 -3.86 18.32 13.14
N ASP A 14 -3.81 17.01 13.22
CA ASP A 14 -3.38 16.39 14.45
C ASP A 14 -2.12 15.61 14.09
N GLN A 15 -0.93 16.22 14.19
CA GLN A 15 0.26 15.57 13.65
C GLN A 15 1.08 15.17 14.84
N GLN A 16 0.62 14.08 15.41
CA GLN A 16 1.19 13.57 16.64
C GLN A 16 2.63 13.06 16.63
N ASN A 17 3.29 12.91 15.50
CA ASN A 17 4.69 12.45 15.48
C ASN A 17 5.63 13.63 15.39
N LEU A 18 5.11 14.84 15.58
CA LEU A 18 5.90 16.02 15.68
C LEU A 18 5.71 16.66 17.06
N ILE A 19 6.74 17.31 17.60
CA ILE A 19 6.75 18.06 18.83
C ILE A 19 6.74 19.51 18.40
N PHE A 20 5.77 20.28 18.89
CA PHE A 20 5.61 21.67 18.54
C PHE A 20 6.18 22.54 19.63
N GLN A 21 6.93 23.57 19.28
CA GLN A 21 7.47 24.47 20.28
C GLN A 21 7.23 25.89 19.82
N GLY A 22 7.15 26.79 20.76
CA GLY A 22 6.80 28.16 20.47
C GLY A 22 5.40 28.24 19.84
N ASP A 23 5.29 28.94 18.72
CA ASP A 23 4.07 29.11 18.01
C ASP A 23 3.91 28.27 16.79
N GLY A 24 4.71 27.22 16.61
CA GLY A 24 4.55 26.35 15.45
C GLY A 24 3.34 25.50 15.63
N TYR A 25 2.65 25.25 14.52
CA TYR A 25 1.45 24.42 14.52
C TYR A 25 1.20 23.98 13.11
N THR A 26 0.32 23.03 12.88
CA THR A 26 -0.05 22.62 11.54
C THR A 26 -1.40 23.22 11.14
N THR A 27 -1.54 23.68 9.88
CA THR A 27 -2.81 24.19 9.33
C THR A 27 -2.75 24.26 7.83
N LYS A 28 -3.91 23.93 7.26
CA LYS A 28 -4.13 23.96 5.81
C LYS A 28 -3.17 23.05 5.03
N GLU A 29 -2.94 21.82 5.57
CA GLU A 29 -2.04 20.84 5.01
C GLU A 29 -0.57 21.24 5.10
N ARG A 30 -0.28 22.28 5.86
CA ARG A 30 1.04 22.89 5.93
C ARG A 30 1.56 22.88 7.34
N LEU A 31 2.87 22.86 7.54
CA LEU A 31 3.40 22.99 8.88
C LEU A 31 3.67 24.48 8.94
N THR A 32 3.11 25.32 9.82
CA THR A 32 3.47 26.72 9.76
C THR A 32 4.32 27.03 11.00
N LEU A 33 5.52 27.52 10.83
CA LEU A 33 6.43 27.83 11.91
C LEU A 33 6.13 29.20 12.48
N THR A 34 5.80 30.06 11.53
CA THR A 34 5.51 31.45 11.72
C THR A 34 4.39 31.88 10.76
N LYS A 35 3.46 32.68 11.26
CA LYS A 35 2.52 33.44 10.43
C LYS A 35 3.25 34.73 10.06
N ALA A 36 2.74 35.61 9.19
CA ALA A 36 3.39 36.83 8.86
C ALA A 36 3.01 37.85 9.93
N VAL A 37 3.71 37.84 11.06
CA VAL A 37 3.31 38.55 12.26
C VAL A 37 4.66 38.94 12.91
N ARG A 38 4.79 40.03 13.67
CA ARG A 38 6.06 40.36 14.30
C ARG A 38 6.32 39.53 15.52
N ASN A 39 7.57 39.53 15.94
CA ASN A 39 8.04 38.92 17.18
C ASN A 39 7.67 37.46 17.45
N THR A 40 7.79 36.51 16.51
CA THR A 40 7.49 35.14 16.85
C THR A 40 8.66 34.20 16.54
N VAL A 41 8.58 33.04 17.22
CA VAL A 41 9.50 31.91 17.17
C VAL A 41 8.59 30.73 17.01
N GLY A 42 8.83 29.84 16.07
CA GLY A 42 8.12 28.61 16.03
C GLY A 42 9.07 27.47 15.70
N ARG A 43 8.97 26.29 16.34
CA ARG A 43 9.85 25.17 15.99
C ARG A 43 9.00 23.92 15.93
N ALA A 44 9.42 22.90 15.19
CA ALA A 44 8.81 21.58 15.21
C ALA A 44 9.95 20.56 15.10
N LEU A 45 9.92 19.51 15.90
CA LEU A 45 10.92 18.47 15.95
C LEU A 45 10.29 17.13 15.58
N TYR A 46 10.97 16.18 14.90
CA TYR A 46 10.42 14.85 14.75
C TYR A 46 10.41 14.20 16.14
N SER A 47 9.40 13.42 16.54
CA SER A 47 9.37 12.81 17.88
C SER A 47 10.44 11.77 18.26
N SER A 48 10.95 10.88 17.40
CA SER A 48 11.91 9.91 17.85
C SER A 48 13.29 10.56 17.87
N PRO A 49 14.11 10.36 18.93
CA PRO A 49 15.55 10.59 18.93
C PRO A 49 16.24 9.87 17.77
N ILE A 50 17.22 10.39 17.07
CA ILE A 50 17.88 9.55 16.11
C ILE A 50 19.37 9.35 16.47
N HIS A 51 19.93 8.15 16.22
CA HIS A 51 21.31 7.79 16.61
C HIS A 51 22.27 8.27 15.54
N ILE A 52 22.93 9.38 15.74
CA ILE A 52 23.79 9.94 14.70
C ILE A 52 25.26 9.42 14.72
N TRP A 53 25.82 9.05 15.87
CA TRP A 53 27.12 8.42 15.89
C TRP A 53 27.14 7.54 17.13
N ASP A 54 28.07 6.59 17.21
CA ASP A 54 28.20 5.70 18.33
C ASP A 54 29.56 5.70 19.00
N SER A 55 29.59 5.94 20.31
CA SER A 55 30.86 6.00 20.99
C SER A 55 31.50 4.64 21.15
N LYS A 56 30.76 3.52 21.20
CA LYS A 56 31.39 2.21 21.27
C LYS A 56 32.14 1.85 20.00
N THR A 57 31.62 1.96 18.79
CA THR A 57 32.40 1.66 17.62
C THR A 57 33.05 2.87 17.01
N GLY A 58 32.77 4.13 17.37
CA GLY A 58 33.27 5.30 16.65
C GLY A 58 32.58 5.58 15.28
N ASN A 59 31.62 4.77 14.83
CA ASN A 59 30.87 5.00 13.59
C ASN A 59 29.91 6.19 13.62
N VAL A 60 29.77 6.90 12.50
CA VAL A 60 28.78 7.96 12.41
C VAL A 60 27.97 7.66 11.15
N ALA A 61 26.71 8.09 11.29
CA ALA A 61 25.67 7.85 10.31
C ALA A 61 25.72 8.69 9.05
N ASN A 62 25.19 8.05 7.99
CA ASN A 62 24.93 8.78 6.78
C ASN A 62 23.48 9.27 6.85
N PHE A 63 23.05 10.45 6.42
CA PHE A 63 21.62 10.77 6.40
C PHE A 63 21.38 11.68 5.23
N VAL A 64 20.13 11.72 4.81
CA VAL A 64 19.63 12.62 3.82
C VAL A 64 18.20 13.08 4.20
N THR A 65 17.95 14.38 4.05
CA THR A 65 16.60 14.91 4.28
C THR A 65 16.28 15.81 3.10
N SER A 66 15.00 15.85 2.71
CA SER A 66 14.54 16.86 1.78
C SER A 66 13.19 17.41 2.22
N PHE A 67 12.88 18.64 1.79
CA PHE A 67 11.66 19.33 2.21
C PHE A 67 11.29 20.46 1.27
N THR A 68 10.03 20.89 1.16
CA THR A 68 9.80 22.05 0.35
C THR A 68 9.14 23.03 1.31
N PHE A 69 9.47 24.29 1.12
CA PHE A 69 9.07 25.32 2.06
C PHE A 69 8.72 26.60 1.32
N VAL A 70 7.94 27.47 1.99
CA VAL A 70 7.58 28.74 1.38
C VAL A 70 7.83 29.84 2.40
N ILE A 71 8.39 30.95 1.93
CA ILE A 71 8.53 32.16 2.73
C ILE A 71 7.62 33.16 2.01
N ASP A 72 6.62 33.71 2.72
CA ASP A 72 5.70 34.65 2.14
C ASP A 72 5.69 35.90 2.95
N ALA A 73 6.20 36.96 2.41
CA ALA A 73 6.46 38.25 3.05
C ALA A 73 5.62 39.37 2.43
N PRO A 74 5.33 40.53 3.05
CA PRO A 74 4.52 41.61 2.50
C PRO A 74 5.03 42.11 1.20
N ASN A 75 6.34 42.07 1.04
CA ASN A 75 6.98 42.49 -0.18
C ASN A 75 8.40 41.95 -0.05
N SER A 76 9.15 42.05 -1.13
CA SER A 76 10.52 41.64 -1.24
C SER A 76 11.56 42.46 -0.49
N TYR A 77 11.21 43.57 0.16
CA TYR A 77 12.19 44.37 0.83
C TYR A 77 12.16 44.17 2.31
N ASN A 78 10.99 44.11 2.92
CA ASN A 78 10.89 44.01 4.37
C ASN A 78 10.64 42.55 4.69
N VAL A 79 11.68 41.73 4.88
CA VAL A 79 11.54 40.30 5.09
C VAL A 79 12.40 39.94 6.30
N ALA A 80 11.97 39.18 7.30
CA ALA A 80 12.90 38.71 8.31
C ALA A 80 12.24 37.59 9.06
N ASP A 81 12.85 36.74 9.87
CA ASP A 81 14.32 36.56 9.98
C ASP A 81 14.95 35.42 9.21
N GLY A 82 14.20 34.37 9.07
CA GLY A 82 14.66 33.17 8.39
C GLY A 82 14.19 31.91 9.10
N PHE A 83 14.72 30.82 8.58
CA PHE A 83 14.32 29.44 8.79
C PHE A 83 15.58 28.55 8.83
N THR A 84 15.52 27.48 9.61
CA THR A 84 16.65 26.62 9.88
C THR A 84 16.19 25.16 9.78
N PHE A 85 17.05 24.25 9.31
CA PHE A 85 16.89 22.84 9.59
C PHE A 85 17.99 22.63 10.66
N PHE A 86 17.80 21.96 11.78
CA PHE A 86 18.86 21.86 12.79
C PHE A 86 18.90 20.47 13.42
N ILE A 87 20.01 20.19 14.12
CA ILE A 87 20.31 18.92 14.78
C ILE A 87 20.75 19.30 16.16
N ALA A 88 20.14 18.83 17.24
CA ALA A 88 20.46 19.35 18.55
C ALA A 88 20.30 18.27 19.58
N PRO A 89 20.69 18.41 20.84
CA PRO A 89 20.39 17.48 21.90
C PRO A 89 18.95 17.07 21.97
N VAL A 90 18.62 15.89 22.49
CA VAL A 90 17.23 15.40 22.57
C VAL A 90 16.27 16.37 23.31
N ASP A 91 16.78 17.04 24.34
CA ASP A 91 15.99 17.97 25.12
C ASP A 91 16.05 19.42 24.67
N THR A 92 16.43 19.67 23.44
CA THR A 92 16.46 21.03 22.92
C THR A 92 15.14 21.82 23.09
N LYS A 93 15.28 23.10 23.40
CA LYS A 93 14.17 24.00 23.67
C LYS A 93 14.50 25.25 22.85
N PRO A 94 13.52 26.13 22.48
CA PRO A 94 13.76 27.36 21.71
C PRO A 94 14.80 28.25 22.35
N GLN A 95 15.70 28.83 21.59
CA GLN A 95 16.70 29.74 22.16
C GLN A 95 16.31 31.18 21.80
N THR A 96 17.22 32.11 21.54
CA THR A 96 16.91 33.49 21.29
C THR A 96 16.21 33.58 19.94
N GLY A 97 15.22 34.49 19.85
CA GLY A 97 14.43 34.73 18.65
C GLY A 97 15.06 35.74 17.74
N GLY A 98 14.27 36.32 16.84
CA GLY A 98 14.75 37.31 15.88
C GLY A 98 15.93 36.76 15.11
N GLY A 99 17.03 37.52 15.01
CA GLY A 99 18.25 37.17 14.31
C GLY A 99 18.99 35.89 14.63
N TYR A 100 18.77 35.38 15.83
CA TYR A 100 19.29 34.13 16.30
C TYR A 100 18.47 32.89 15.92
N LEU A 101 17.37 33.05 15.14
CA LEU A 101 16.57 32.02 14.53
C LEU A 101 16.00 30.97 15.44
N GLY A 102 15.92 31.23 16.74
CA GLY A 102 15.40 30.29 17.70
C GLY A 102 16.35 29.16 18.01
N VAL A 103 17.60 29.14 17.51
CA VAL A 103 18.50 28.02 17.71
C VAL A 103 19.77 28.39 18.42
N PHE A 104 20.29 29.61 18.38
CA PHE A 104 21.52 29.98 19.07
C PHE A 104 21.31 31.18 19.95
N ASN A 105 22.33 31.51 20.70
CA ASN A 105 22.33 32.57 21.71
C ASN A 105 23.43 33.59 21.52
N SER A 106 24.42 33.26 20.67
CA SER A 106 25.54 34.13 20.55
C SER A 106 26.19 33.83 19.25
N LYS A 107 26.97 34.82 18.88
CA LYS A 107 27.88 34.74 17.77
C LYS A 107 29.23 34.12 18.22
N ASP A 108 29.50 34.09 19.53
CA ASP A 108 30.68 33.46 20.09
C ASP A 108 30.48 31.97 20.07
N TYR A 109 31.55 31.22 19.78
CA TYR A 109 31.52 29.77 19.65
C TYR A 109 31.24 29.25 21.03
N ASP A 110 30.30 28.37 21.22
CA ASP A 110 30.07 27.83 22.52
C ASP A 110 29.91 26.34 22.32
N LYS A 111 30.84 25.50 22.81
CA LYS A 111 30.74 24.05 22.59
C LYS A 111 29.58 23.37 23.33
N THR A 112 29.10 24.00 24.38
CA THR A 112 27.90 23.64 25.13
C THR A 112 26.57 23.63 24.32
N SER A 113 26.49 24.33 23.20
CA SER A 113 25.30 24.46 22.40
C SER A 113 24.91 23.13 21.78
N GLN A 114 25.94 22.44 21.28
CA GLN A 114 25.84 21.16 20.62
C GLN A 114 24.80 21.09 19.53
N THR A 115 24.72 22.17 18.78
CA THR A 115 23.75 22.34 17.71
C THR A 115 24.45 22.70 16.41
N VAL A 116 24.05 22.00 15.35
CA VAL A 116 24.48 22.38 14.02
C VAL A 116 23.19 22.61 13.22
N ALA A 117 23.25 23.70 12.48
CA ALA A 117 22.09 24.11 11.72
C ALA A 117 22.46 24.60 10.35
N VAL A 118 21.48 24.46 9.44
CA VAL A 118 21.58 24.97 8.09
C VAL A 118 20.55 26.05 8.07
N GLU A 119 20.91 27.31 7.87
CA GLU A 119 19.98 28.40 7.89
C GLU A 119 19.76 28.99 6.53
N PHE A 120 18.62 29.63 6.42
CA PHE A 120 18.14 30.28 5.20
C PHE A 120 17.73 31.63 5.76
N ASP A 121 18.69 32.54 5.71
CA ASP A 121 18.61 33.83 6.33
C ASP A 121 18.22 34.92 5.40
N THR A 122 17.12 35.59 5.76
CA THR A 122 16.60 36.68 4.96
C THR A 122 16.87 38.10 5.46
N PHE A 123 17.42 38.30 6.64
CA PHE A 123 17.70 39.61 7.18
C PHE A 123 19.18 39.65 7.65
N TYR A 124 19.73 40.74 7.16
CA TYR A 124 21.10 41.12 7.42
C TYR A 124 21.32 41.70 8.79
N ASN A 125 21.91 40.94 9.68
CA ASN A 125 22.20 41.44 10.99
C ASN A 125 23.68 41.82 10.90
N THR A 126 24.05 43.09 10.97
CA THR A 126 25.42 43.52 10.77
C THR A 126 26.45 42.95 11.74
N ALA A 127 26.14 42.51 12.95
CA ALA A 127 27.18 41.98 13.81
C ALA A 127 27.75 40.64 13.39
N TRP A 128 27.17 39.85 12.50
CA TRP A 128 27.71 38.56 12.24
C TRP A 128 27.36 38.17 10.84
N ASP A 129 26.43 38.76 10.10
CA ASP A 129 26.10 38.29 8.77
C ASP A 129 27.09 38.72 7.73
N PRO A 130 27.22 38.07 6.59
CA PRO A 130 28.09 38.53 5.50
C PRO A 130 27.93 40.02 5.16
N SER A 131 29.06 40.73 5.09
CA SER A 131 29.13 42.17 4.96
C SER A 131 28.50 42.78 3.72
N ASN A 132 28.30 41.99 2.67
CA ASN A 132 27.64 42.48 1.45
C ASN A 132 26.13 42.65 1.68
N GLY A 133 25.52 42.19 2.78
CA GLY A 133 24.11 42.38 3.05
C GLY A 133 23.18 41.44 2.29
N ASP A 134 23.70 40.43 1.63
CA ASP A 134 22.83 39.52 0.90
C ASP A 134 22.14 38.48 1.76
N ARG A 135 20.96 38.01 1.36
CA ARG A 135 20.23 36.87 1.94
C ARG A 135 21.09 35.68 1.57
N HIS A 136 21.10 34.59 2.34
CA HIS A 136 22.08 33.55 2.12
C HIS A 136 21.74 32.29 2.85
N ILE A 137 22.37 31.20 2.37
CA ILE A 137 22.34 29.90 2.99
C ILE A 137 23.59 29.80 3.85
N GLY A 138 23.58 29.20 5.00
CA GLY A 138 24.71 29.17 5.88
C GLY A 138 24.71 27.92 6.71
N ILE A 139 25.94 27.51 7.09
CA ILE A 139 26.11 26.34 7.95
C ILE A 139 26.67 26.89 9.24
N ASP A 140 26.03 26.53 10.35
CA ASP A 140 26.26 27.10 11.65
C ASP A 140 26.60 26.00 12.58
N VAL A 141 27.72 26.05 13.29
CA VAL A 141 27.99 25.02 14.24
C VAL A 141 28.38 25.71 15.52
N ASN A 142 27.39 25.64 16.42
CA ASN A 142 27.49 26.16 17.79
C ASN A 142 27.56 27.68 17.90
N SER A 143 27.06 28.41 16.91
CA SER A 143 27.17 29.86 16.85
C SER A 143 26.22 30.33 15.76
N ILE A 144 25.69 31.56 15.81
CA ILE A 144 24.88 32.10 14.73
C ILE A 144 25.75 32.64 13.62
N LYS A 145 27.09 32.80 13.83
CA LYS A 145 27.93 33.27 12.75
C LYS A 145 28.33 32.07 11.93
N SER A 146 27.93 32.02 10.66
CA SER A 146 28.12 30.80 9.89
C SER A 146 29.59 30.45 9.59
N ILE A 147 29.98 29.19 9.51
CA ILE A 147 31.34 28.83 9.11
C ILE A 147 31.51 28.99 7.61
N ASN A 148 30.45 29.07 6.83
CA ASN A 148 30.51 29.25 5.39
C ASN A 148 29.12 29.65 4.99
N THR A 149 28.91 30.42 3.92
CA THR A 149 27.61 30.92 3.54
C THR A 149 27.54 30.96 2.01
N LYS A 150 26.39 30.92 1.32
CA LYS A 150 26.31 31.07 -0.13
C LYS A 150 25.21 32.08 -0.36
N SER A 151 25.34 33.12 -1.21
CA SER A 151 24.29 34.09 -1.41
C SER A 151 23.13 33.46 -2.13
N TRP A 152 21.90 33.83 -1.80
CA TRP A 152 20.73 33.21 -2.37
C TRP A 152 19.79 34.36 -2.64
N ALA A 153 19.12 34.43 -3.78
CA ALA A 153 18.13 35.46 -4.07
C ALA A 153 16.75 34.88 -3.71
N LEU A 154 16.04 35.44 -2.74
CA LEU A 154 14.72 34.99 -2.33
C LEU A 154 13.69 35.25 -3.42
N GLN A 155 12.82 34.28 -3.68
CA GLN A 155 11.71 34.45 -4.59
C GLN A 155 10.51 34.33 -3.66
N ASN A 156 9.96 35.46 -3.29
CA ASN A 156 8.91 35.55 -2.30
C ASN A 156 7.63 34.87 -2.72
N GLY A 157 7.13 34.04 -1.82
CA GLY A 157 5.94 33.27 -1.96
C GLY A 157 6.12 32.09 -2.87
N LYS A 158 7.29 31.77 -3.42
CA LYS A 158 7.44 30.61 -4.27
C LYS A 158 7.99 29.42 -3.49
N GLU A 159 7.60 28.21 -3.80
CA GLU A 159 8.17 27.10 -3.08
C GLU A 159 9.53 26.66 -3.59
N ALA A 160 10.36 26.34 -2.60
CA ALA A 160 11.71 25.96 -2.80
C ALA A 160 11.87 24.52 -2.34
N ASN A 161 12.62 23.75 -3.09
CA ASN A 161 13.01 22.38 -2.82
C ASN A 161 14.37 22.28 -2.20
N VAL A 162 14.56 21.69 -1.01
CA VAL A 162 15.87 21.57 -0.38
C VAL A 162 16.29 20.13 -0.11
N VAL A 163 17.54 19.78 -0.43
CA VAL A 163 18.12 18.47 -0.10
C VAL A 163 19.35 18.70 0.76
N ILE A 164 19.46 18.08 1.93
CA ILE A 164 20.63 18.19 2.79
C ILE A 164 21.08 16.74 2.96
N ALA A 165 22.36 16.46 2.65
CA ALA A 165 22.95 15.13 2.74
C ALA A 165 24.26 15.15 3.54
N PHE A 166 24.54 14.14 4.35
CA PHE A 166 25.77 14.06 5.10
C PHE A 166 26.37 12.71 4.78
N ASN A 167 27.63 12.70 4.37
CA ASN A 167 28.36 11.48 4.07
C ASN A 167 29.42 11.27 5.13
N ALA A 168 29.26 10.23 5.92
CA ALA A 168 30.16 9.83 7.01
C ALA A 168 31.60 9.46 6.64
N ALA A 169 31.82 8.90 5.42
CA ALA A 169 33.17 8.56 4.96
C ALA A 169 34.04 9.81 4.86
N THR A 170 33.51 10.90 4.25
CA THR A 170 34.20 12.17 4.12
C THR A 170 33.84 13.28 5.07
N ASN A 171 32.90 13.05 5.97
CA ASN A 171 32.31 14.10 6.81
C ASN A 171 31.84 15.33 6.02
N VAL A 172 31.37 15.19 4.78
CA VAL A 172 30.95 16.38 4.13
C VAL A 172 29.42 16.46 4.20
N LEU A 173 28.97 17.71 4.46
CA LEU A 173 27.57 18.12 4.48
C LEU A 173 27.33 18.94 3.21
N THR A 174 26.32 18.61 2.42
CA THR A 174 25.98 19.30 1.19
C THR A 174 24.55 19.83 1.32
N VAL A 175 24.28 21.06 0.86
CA VAL A 175 22.96 21.72 0.91
C VAL A 175 22.72 22.15 -0.52
N SER A 176 21.52 21.83 -0.99
CA SER A 176 21.08 22.23 -2.29
C SER A 176 19.68 22.83 -2.16
N LEU A 177 19.41 24.07 -2.62
CA LEU A 177 18.08 24.68 -2.72
C LEU A 177 17.72 24.89 -4.19
N THR A 178 16.53 24.50 -4.67
CA THR A 178 16.12 24.70 -6.04
C THR A 178 14.75 25.37 -6.15
N TYR A 179 14.59 26.38 -7.03
CA TYR A 179 13.29 26.92 -7.37
C TYR A 179 12.99 26.39 -8.76
N PRO A 180 11.79 25.96 -9.11
CA PRO A 180 11.44 25.55 -10.48
C PRO A 180 11.81 26.52 -11.60
N GLU B 1 14.94 25.42 -12.12
CA GLU B 1 16.21 25.67 -12.74
C GLU B 1 17.08 26.71 -12.05
N THR B 2 16.76 27.36 -10.96
CA THR B 2 17.70 28.22 -10.26
C THR B 2 18.09 27.41 -9.05
N SER B 3 19.38 27.22 -8.83
CA SER B 3 19.93 26.37 -7.79
C SER B 3 21.02 27.10 -7.06
N TYR B 4 21.19 26.71 -5.78
CA TYR B 4 22.21 27.22 -4.86
C TYR B 4 22.72 26.02 -4.08
N THR B 5 24.01 25.68 -4.18
CA THR B 5 24.68 24.58 -3.50
C THR B 5 25.75 25.05 -2.53
N LEU B 6 25.90 24.43 -1.35
CA LEU B 6 26.93 24.76 -0.39
C LEU B 6 27.47 23.46 0.14
N ASN B 7 28.81 23.25 0.20
CA ASN B 7 29.43 21.99 0.68
C ASN B 7 30.44 22.35 1.73
N GLU B 8 30.54 21.57 2.80
CA GLU B 8 31.45 21.89 3.86
C GLU B 8 31.83 20.64 4.61
N VAL B 9 33.03 20.52 5.19
CA VAL B 9 33.41 19.33 5.91
C VAL B 9 33.00 19.66 7.31
N VAL B 10 32.12 18.85 7.92
CA VAL B 10 31.71 19.09 9.29
C VAL B 10 31.75 17.76 10.04
N PRO B 11 32.82 17.51 10.83
CA PRO B 11 32.96 16.33 11.69
C PRO B 11 31.86 16.24 12.75
N LEU B 12 30.61 15.88 12.40
CA LEU B 12 29.52 15.81 13.38
C LEU B 12 29.79 15.16 14.74
N LYS B 13 30.57 14.09 14.82
CA LYS B 13 30.87 13.43 16.07
C LYS B 13 31.56 14.33 17.05
N GLU B 14 32.17 15.42 16.58
CA GLU B 14 32.88 16.34 17.44
C GLU B 14 32.03 17.37 18.12
N PHE B 15 30.86 17.63 17.50
CA PHE B 15 29.99 18.76 17.91
C PHE B 15 28.66 18.38 18.56
N VAL B 16 28.06 17.28 18.16
CA VAL B 16 26.71 16.87 18.52
C VAL B 16 26.68 15.62 19.38
N PRO B 17 25.71 15.37 20.29
CA PRO B 17 25.64 14.13 21.04
C PRO B 17 25.35 12.93 20.17
N GLU B 18 25.45 11.73 20.72
CA GLU B 18 25.24 10.51 19.95
C GLU B 18 23.81 10.31 19.46
N TRP B 19 22.88 10.70 20.33
CA TRP B 19 21.44 10.76 20.08
C TRP B 19 21.05 12.21 20.01
N VAL B 20 20.30 12.56 18.98
CA VAL B 20 19.85 13.92 18.69
C VAL B 20 18.35 14.01 18.36
N ARG B 21 17.78 15.21 18.35
CA ARG B 21 16.51 15.41 17.68
C ARG B 21 16.80 16.31 16.50
N ILE B 22 16.00 16.21 15.44
CA ILE B 22 16.16 17.07 14.30
C ILE B 22 14.89 17.87 14.10
N GLY B 23 14.94 19.04 13.44
CA GLY B 23 13.71 19.75 13.20
C GLY B 23 13.91 21.02 12.47
N PHE B 24 12.93 21.91 12.56
CA PHE B 24 12.95 23.18 11.90
C PHE B 24 12.65 24.30 12.86
N SER B 25 13.18 25.50 12.69
CA SER B 25 12.78 26.66 13.48
C SER B 25 12.67 27.86 12.55
N ALA B 26 11.86 28.89 12.85
CA ALA B 26 11.91 30.13 12.10
C ALA B 26 11.42 31.23 13.04
N THR B 27 11.80 32.49 12.75
CA THR B 27 11.52 33.61 13.64
C THR B 27 11.24 34.84 12.85
N THR B 28 10.59 35.81 13.50
CA THR B 28 10.37 37.12 12.94
C THR B 28 10.77 38.04 14.12
N GLY B 29 10.94 39.31 13.89
CA GLY B 29 11.37 40.26 14.89
C GLY B 29 10.64 41.53 14.49
N ALA B 30 11.32 42.60 14.12
CA ALA B 30 10.59 43.81 13.81
C ALA B 30 10.10 43.74 12.36
N GLU B 31 10.66 42.85 11.52
CA GLU B 31 10.18 42.58 10.18
C GLU B 31 9.71 41.17 10.19
N PHE B 32 8.98 40.66 9.18
CA PHE B 32 8.31 39.37 9.28
C PHE B 32 7.99 38.77 7.94
N ALA B 33 7.55 37.53 7.97
CA ALA B 33 7.11 36.78 6.81
C ALA B 33 6.49 35.51 7.39
N ALA B 34 5.68 34.77 6.66
CA ALA B 34 5.17 33.48 7.04
C ALA B 34 6.22 32.47 6.62
N HIS B 35 6.53 31.44 7.41
CA HIS B 35 7.55 30.42 7.10
C HIS B 35 6.80 29.12 7.26
N GLU B 36 6.63 28.36 6.19
CA GLU B 36 5.78 27.20 6.20
C GLU B 36 6.46 26.06 5.50
N VAL B 37 6.30 24.83 5.93
CA VAL B 37 6.89 23.65 5.29
C VAL B 37 5.70 22.82 4.71
N LEU B 38 5.88 22.35 3.47
CA LEU B 38 4.85 21.64 2.71
C LEU B 38 5.05 20.15 2.74
N SER B 39 6.29 19.64 2.89
CA SER B 39 6.52 18.22 2.92
C SER B 39 7.88 18.01 3.56
N TRP B 40 8.15 16.83 4.10
CA TRP B 40 9.40 16.47 4.77
C TRP B 40 9.66 14.97 4.60
N TYR B 41 10.86 14.59 4.18
CA TYR B 41 11.33 13.20 4.09
C TYR B 41 12.73 13.14 4.81
N PHE B 42 13.03 12.08 5.57
CA PHE B 42 14.31 11.92 6.21
C PHE B 42 14.70 10.44 6.22
N HIS B 43 15.98 10.13 5.99
CA HIS B 43 16.49 8.76 6.13
C HIS B 43 17.90 8.80 6.77
N SER B 44 18.14 8.07 7.88
CA SER B 44 19.47 7.92 8.44
C SER B 44 19.87 6.47 8.54
N GLU B 45 21.16 6.20 8.35
CA GLU B 45 21.70 4.86 8.51
C GLU B 45 23.02 4.85 9.31
N LEU B 46 23.11 4.13 10.43
CA LEU B 46 24.31 4.01 11.23
C LEU B 46 24.69 2.55 11.22
N ALA B 47 25.87 2.28 10.68
CA ALA B 47 26.38 0.91 10.61
C ALA B 47 26.87 0.44 11.99
N THR D 1 0.31 11.77 2.09
CA THR D 1 0.94 10.50 2.46
C THR D 1 1.92 10.54 3.64
N GLU D 2 1.89 9.52 4.49
CA GLU D 2 2.76 9.41 5.63
C GLU D 2 3.37 8.04 5.68
N THR D 3 4.67 7.91 5.95
CA THR D 3 5.30 6.61 6.20
C THR D 3 6.23 6.72 7.41
N THR D 4 6.37 5.69 8.23
CA THR D 4 7.32 5.61 9.32
C THR D 4 8.02 4.28 9.11
N SER D 5 9.36 4.23 9.19
CA SER D 5 10.12 2.99 9.07
C SER D 5 11.34 3.04 9.99
N PHE D 6 11.84 1.91 10.46
CA PHE D 6 13.07 1.87 11.28
C PHE D 6 13.54 0.43 11.33
N SER D 7 14.82 0.22 11.61
CA SER D 7 15.31 -1.11 11.85
C SER D 7 16.35 -1.03 12.93
N ILE D 8 16.38 -2.02 13.80
CA ILE D 8 17.41 -2.16 14.81
C ILE D 8 17.84 -3.64 14.70
N THR D 9 19.01 -3.81 14.12
CA THR D 9 19.72 -5.07 13.92
C THR D 9 20.41 -5.55 15.19
N LYS D 10 20.89 -4.66 16.04
CA LYS D 10 21.57 -5.05 17.24
C LYS D 10 21.20 -3.96 18.24
N PHE D 11 20.78 -4.31 19.45
CA PHE D 11 20.38 -3.31 20.40
C PHE D 11 21.51 -2.84 21.27
N GLY D 12 21.67 -1.56 21.49
CA GLY D 12 22.73 -1.07 22.34
C GLY D 12 22.23 -0.84 23.75
N PRO D 13 23.14 -0.56 24.70
CA PRO D 13 22.82 -0.25 26.09
C PRO D 13 21.96 0.98 26.31
N ASP D 14 22.04 1.97 25.41
CA ASP D 14 21.31 3.21 25.56
C ASP D 14 20.47 3.36 24.30
N GLN D 15 19.35 2.69 24.19
CA GLN D 15 18.58 2.70 22.96
C GLN D 15 17.48 3.75 23.12
N GLN D 16 17.80 5.01 22.86
CA GLN D 16 16.89 6.10 23.17
C GLN D 16 15.65 6.28 22.30
N ASN D 17 15.50 5.56 21.18
CA ASN D 17 14.33 5.66 20.36
C ASN D 17 13.29 4.62 20.79
N LEU D 18 13.43 4.00 21.96
CA LEU D 18 12.47 3.05 22.50
C LEU D 18 12.04 3.54 23.86
N ILE D 19 10.82 3.20 24.29
CA ILE D 19 10.26 3.53 25.59
C ILE D 19 10.20 2.20 26.31
N PHE D 20 10.78 2.07 27.49
CA PHE D 20 10.87 0.83 28.22
C PHE D 20 9.87 0.94 29.36
N GLN D 21 9.17 -0.15 29.68
CA GLN D 21 8.23 -0.12 30.77
C GLN D 21 8.41 -1.43 31.52
N GLY D 22 8.08 -1.52 32.80
CA GLY D 22 8.28 -2.73 33.57
C GLY D 22 9.78 -2.95 33.70
N ASP D 23 10.26 -4.18 33.59
CA ASP D 23 11.70 -4.36 33.70
C ASP D 23 12.40 -4.69 32.37
N GLY D 24 11.81 -4.31 31.23
CA GLY D 24 12.45 -4.54 29.95
C GLY D 24 13.62 -3.59 29.78
N TYR D 25 14.77 -3.98 29.22
CA TYR D 25 15.89 -3.06 29.01
C TYR D 25 16.83 -3.71 27.99
N THR D 26 17.91 -3.10 27.51
CA THR D 26 18.77 -3.77 26.54
C THR D 26 20.10 -4.23 27.19
N THR D 27 20.56 -5.43 26.83
CA THR D 27 21.76 -6.03 27.40
C THR D 27 22.25 -7.05 26.42
N LYS D 28 23.57 -7.17 26.34
CA LYS D 28 24.23 -8.13 25.46
C LYS D 28 23.71 -8.02 24.02
N GLU D 29 23.46 -6.78 23.62
CA GLU D 29 22.87 -6.40 22.34
C GLU D 29 21.50 -7.00 21.93
N ARG D 30 20.70 -7.37 22.92
CA ARG D 30 19.36 -7.91 22.75
C ARG D 30 18.43 -7.02 23.53
N LEU D 31 17.15 -7.00 23.16
CA LEU D 31 16.17 -6.32 23.99
C LEU D 31 15.65 -7.38 24.96
N THR D 32 15.84 -7.26 26.26
CA THR D 32 15.36 -8.24 27.23
C THR D 32 14.00 -7.84 27.82
N LEU D 33 12.94 -8.60 27.55
CA LEU D 33 11.64 -8.16 28.05
C LEU D 33 11.47 -8.74 29.43
N THR D 34 11.67 -10.05 29.66
CA THR D 34 11.68 -10.55 31.03
C THR D 34 12.98 -11.35 31.14
N LYS D 35 13.51 -11.46 32.34
CA LYS D 35 14.57 -12.40 32.62
C LYS D 35 13.82 -13.65 33.14
N ALA D 36 14.41 -14.83 33.30
CA ALA D 36 13.64 -15.99 33.73
C ALA D 36 13.42 -16.00 35.22
N VAL D 37 12.60 -15.05 35.66
CA VAL D 37 12.24 -14.78 37.04
C VAL D 37 10.71 -14.76 37.18
N ARG D 38 10.12 -15.19 38.30
CA ARG D 38 8.67 -15.18 38.53
C ARG D 38 8.02 -13.79 38.64
N ASN D 39 6.78 -13.67 38.14
CA ASN D 39 5.98 -12.47 38.26
C ASN D 39 6.55 -11.18 37.68
N THR D 40 7.06 -11.17 36.46
CA THR D 40 7.53 -9.92 35.90
C THR D 40 6.80 -9.59 34.61
N VAL D 41 6.86 -8.32 34.23
CA VAL D 41 6.34 -7.77 32.99
C VAL D 41 7.41 -6.80 32.44
N GLY D 42 7.61 -6.86 31.13
CA GLY D 42 8.47 -5.88 30.49
C GLY D 42 7.82 -5.52 29.18
N ARG D 43 7.80 -4.25 28.80
CA ARG D 43 7.31 -3.83 27.48
C ARG D 43 8.34 -2.83 26.94
N ALA D 44 8.38 -2.76 25.60
CA ALA D 44 9.19 -1.76 24.92
C ALA D 44 8.36 -1.23 23.73
N LEU D 45 8.26 0.09 23.51
CA LEU D 45 7.47 0.66 22.43
C LEU D 45 8.38 1.51 21.59
N TYR D 46 8.12 1.68 20.28
CA TYR D 46 8.86 2.66 19.50
C TYR D 46 8.40 4.03 20.02
N SER D 47 9.32 4.99 20.12
CA SER D 47 8.99 6.31 20.62
C SER D 47 8.03 7.12 19.76
N SER D 48 8.05 7.07 18.41
CA SER D 48 7.12 7.83 17.62
C SER D 48 5.75 7.14 17.55
N PRO D 49 4.69 7.93 17.78
CA PRO D 49 3.34 7.63 17.34
C PRO D 49 3.26 7.29 15.86
N ILE D 50 2.47 6.28 15.49
CA ILE D 50 2.19 5.94 14.10
C ILE D 50 0.73 6.23 13.72
N HIS D 51 0.58 6.87 12.56
CA HIS D 51 -0.72 7.19 11.99
C HIS D 51 -1.24 5.95 11.28
N ILE D 52 -2.14 5.20 11.95
CA ILE D 52 -2.73 3.98 11.40
C ILE D 52 -3.95 4.28 10.55
N TRP D 53 -4.84 5.22 10.89
CA TRP D 53 -5.91 5.56 9.98
C TRP D 53 -6.24 7.04 10.09
N ASP D 54 -7.00 7.64 9.18
CA ASP D 54 -7.32 9.04 9.29
C ASP D 54 -8.85 9.24 9.22
N SER D 55 -9.56 9.90 10.13
CA SER D 55 -11.02 10.07 10.06
C SER D 55 -11.45 11.03 8.99
N LYS D 56 -10.65 12.02 8.61
CA LYS D 56 -10.99 12.92 7.53
C LYS D 56 -11.15 12.25 6.18
N THR D 57 -10.38 11.20 5.88
CA THR D 57 -10.40 10.57 4.57
C THR D 57 -10.92 9.15 4.63
N GLY D 58 -10.96 8.56 5.82
CA GLY D 58 -11.35 7.17 5.94
C GLY D 58 -10.26 6.20 5.48
N ASN D 59 -9.03 6.66 5.15
CA ASN D 59 -7.96 5.77 4.70
C ASN D 59 -7.33 5.14 5.89
N VAL D 60 -6.83 3.92 5.67
CA VAL D 60 -6.24 3.05 6.69
C VAL D 60 -4.87 2.69 6.14
N ALA D 61 -3.89 2.51 7.00
CA ALA D 61 -2.52 2.18 6.64
C ALA D 61 -2.25 0.71 6.37
N ASN D 62 -1.26 0.39 5.56
CA ASN D 62 -0.69 -0.97 5.48
C ASN D 62 0.53 -0.99 6.43
N PHE D 63 0.92 -2.08 7.07
CA PHE D 63 2.22 -2.09 7.74
C PHE D 63 2.84 -3.46 7.60
N VAL D 64 4.13 -3.59 7.86
CA VAL D 64 4.86 -4.84 7.85
C VAL D 64 5.81 -4.73 9.05
N THR D 65 6.01 -5.75 9.90
CA THR D 65 7.04 -5.72 10.91
C THR D 65 7.65 -7.13 10.90
N SER D 66 8.96 -7.26 11.08
CA SER D 66 9.56 -8.56 11.26
C SER D 66 10.52 -8.49 12.44
N PHE D 67 10.64 -9.56 13.19
CA PHE D 67 11.53 -9.60 14.31
C PHE D 67 11.96 -11.04 14.60
N THR D 68 13.14 -11.22 15.22
CA THR D 68 13.64 -12.49 15.68
C THR D 68 13.52 -12.37 17.21
N PHE D 69 12.99 -13.39 17.89
CA PHE D 69 12.86 -13.40 19.34
C PHE D 69 13.26 -14.80 19.84
N VAL D 70 13.54 -14.94 21.13
CA VAL D 70 13.93 -16.20 21.74
C VAL D 70 13.16 -16.27 23.03
N ILE D 71 12.67 -17.46 23.36
CA ILE D 71 12.06 -17.78 24.65
C ILE D 71 13.02 -18.83 25.24
N ASP D 72 13.56 -18.53 26.41
CA ASP D 72 14.51 -19.38 27.07
C ASP D 72 13.96 -19.82 28.41
N ALA D 73 13.54 -21.06 28.44
CA ALA D 73 12.91 -21.66 29.61
C ALA D 73 13.80 -22.67 30.33
N PRO D 74 13.66 -22.97 31.63
CA PRO D 74 14.36 -24.07 32.33
C PRO D 74 14.31 -25.41 31.61
N ASN D 75 13.20 -25.71 30.95
CA ASN D 75 12.97 -26.97 30.25
C ASN D 75 11.74 -26.73 29.38
N SER D 76 11.37 -27.72 28.55
CA SER D 76 10.20 -27.64 27.70
C SER D 76 8.85 -27.80 28.41
N TYR D 77 8.77 -28.07 29.71
CA TYR D 77 7.48 -28.32 30.33
C TYR D 77 7.10 -27.17 31.23
N ASN D 78 8.01 -26.61 32.00
CA ASN D 78 7.68 -25.57 32.96
C ASN D 78 7.98 -24.16 32.41
N VAL D 79 7.09 -23.65 31.56
CA VAL D 79 7.24 -22.36 30.90
C VAL D 79 5.99 -21.45 30.81
N ALA D 80 6.18 -20.18 31.16
CA ALA D 80 5.12 -19.18 31.17
C ALA D 80 5.72 -17.75 31.08
N ASP D 81 5.00 -16.66 30.73
CA ASP D 81 3.65 -16.69 30.13
C ASP D 81 3.54 -16.57 28.64
N GLY D 82 4.45 -15.84 28.01
CA GLY D 82 4.42 -15.69 26.57
C GLY D 82 4.76 -14.27 26.21
N PHE D 83 4.55 -13.91 24.96
CA PHE D 83 5.08 -12.68 24.41
C PHE D 83 4.06 -12.07 23.47
N THR D 84 4.00 -10.76 23.29
CA THR D 84 3.04 -10.12 22.39
C THR D 84 3.73 -9.05 21.50
N PHE D 85 3.25 -8.86 20.26
CA PHE D 85 3.53 -7.63 19.51
C PHE D 85 2.15 -6.93 19.62
N PHE D 86 2.03 -5.65 20.00
CA PHE D 86 0.76 -5.02 20.13
C PHE D 86 0.74 -3.62 19.57
N ILE D 87 -0.52 -3.16 19.35
CA ILE D 87 -0.95 -1.88 18.77
C ILE D 87 -1.91 -1.34 19.81
N ALA D 88 -1.71 -0.16 20.37
CA ALA D 88 -2.46 0.33 21.50
C ALA D 88 -2.51 1.85 21.43
N PRO D 89 -3.29 2.56 22.22
CA PRO D 89 -3.29 4.02 22.31
C PRO D 89 -1.93 4.57 22.61
N VAL D 90 -1.63 5.79 22.23
CA VAL D 90 -0.33 6.41 22.41
C VAL D 90 0.08 6.44 23.86
N ASP D 91 -0.86 6.54 24.79
CA ASP D 91 -0.54 6.62 26.20
C ASP D 91 -0.54 5.29 26.95
N THR D 92 -0.51 4.17 26.23
CA THR D 92 -0.48 2.83 26.81
C THR D 92 0.59 2.62 27.90
N LYS D 93 0.16 1.89 28.93
CA LYS D 93 0.97 1.57 30.08
C LYS D 93 0.67 0.10 30.38
N PRO D 94 1.54 -0.65 31.10
CA PRO D 94 1.37 -2.07 31.32
C PRO D 94 -0.01 -2.37 31.93
N GLN D 95 -0.71 -3.43 31.50
CA GLN D 95 -2.00 -3.77 32.07
C GLN D 95 -1.88 -5.00 32.96
N THR D 96 -2.74 -5.99 33.08
CA THR D 96 -2.49 -7.07 34.03
C THR D 96 -1.36 -8.00 33.58
N GLY D 97 -0.62 -8.48 34.59
CA GLY D 97 0.47 -9.40 34.38
C GLY D 97 -0.03 -10.81 34.16
N GLY D 98 0.89 -11.76 34.32
CA GLY D 98 0.59 -13.18 34.24
C GLY D 98 -0.04 -13.51 32.91
N GLY D 99 -1.01 -14.41 32.92
CA GLY D 99 -1.65 -14.86 31.72
C GLY D 99 -2.31 -13.78 30.90
N TYR D 100 -2.43 -12.57 31.41
CA TYR D 100 -2.97 -11.47 30.61
C TYR D 100 -1.95 -10.75 29.74
N LEU D 101 -0.69 -11.16 29.85
CA LEU D 101 0.39 -10.77 28.97
C LEU D 101 0.76 -9.29 29.01
N GLY D 102 0.30 -8.52 30.01
CA GLY D 102 0.71 -7.13 30.14
C GLY D 102 -0.03 -6.18 29.22
N VAL D 103 -0.99 -6.72 28.50
CA VAL D 103 -1.76 -5.98 27.50
C VAL D 103 -3.29 -5.96 27.75
N PHE D 104 -3.96 -6.90 28.45
CA PHE D 104 -5.42 -6.91 28.62
C PHE D 104 -5.78 -7.11 30.09
N ASN D 105 -7.05 -6.83 30.40
CA ASN D 105 -7.54 -6.95 31.76
C ASN D 105 -8.75 -7.87 31.95
N SER D 106 -9.23 -8.56 30.91
CA SER D 106 -10.38 -9.46 30.92
C SER D 106 -10.46 -10.38 29.72
N LYS D 107 -11.29 -11.42 29.79
CA LYS D 107 -11.57 -12.23 28.60
C LYS D 107 -12.84 -11.71 27.93
N ASP D 108 -13.48 -10.75 28.62
CA ASP D 108 -14.67 -10.09 28.16
C ASP D 108 -14.14 -8.94 27.33
N TYR D 109 -14.85 -8.73 26.22
CA TYR D 109 -14.55 -7.68 25.25
C TYR D 109 -14.79 -6.33 25.90
N ASP D 110 -13.73 -5.53 25.90
CA ASP D 110 -13.72 -4.22 26.47
C ASP D 110 -13.37 -3.26 25.37
N LYS D 111 -14.41 -2.57 24.87
CA LYS D 111 -14.20 -1.64 23.79
C LYS D 111 -13.37 -0.47 24.29
N THR D 112 -13.13 -0.21 25.57
CA THR D 112 -12.30 0.93 25.88
C THR D 112 -10.82 0.57 25.84
N SER D 113 -10.50 -0.72 25.68
CA SER D 113 -9.13 -1.16 25.57
C SER D 113 -8.45 -0.62 24.33
N GLN D 114 -9.07 -0.62 23.14
CA GLN D 114 -8.52 -0.15 21.89
C GLN D 114 -7.14 -0.71 21.53
N THR D 115 -6.90 -1.99 21.87
CA THR D 115 -5.64 -2.64 21.55
C THR D 115 -5.83 -4.00 20.91
N VAL D 116 -5.01 -4.23 19.87
CA VAL D 116 -5.00 -5.54 19.24
C VAL D 116 -3.58 -6.04 19.38
N ALA D 117 -3.42 -7.30 19.76
CA ALA D 117 -2.12 -7.92 20.02
C ALA D 117 -1.99 -9.23 19.29
N VAL D 118 -0.79 -9.62 18.82
CA VAL D 118 -0.50 -10.96 18.30
C VAL D 118 0.28 -11.63 19.44
N GLU D 119 -0.26 -12.67 20.06
CA GLU D 119 0.40 -13.31 21.18
C GLU D 119 1.07 -14.62 20.78
N PHE D 120 2.10 -14.97 21.50
CA PHE D 120 2.78 -16.23 21.30
C PHE D 120 2.68 -16.71 22.75
N ASP D 121 1.67 -17.56 22.99
CA ASP D 121 1.27 -18.00 24.31
C ASP D 121 1.81 -19.37 24.63
N THR D 122 2.59 -19.40 25.72
CA THR D 122 3.22 -20.62 26.17
C THR D 122 2.52 -21.28 27.37
N PHE D 123 1.52 -20.66 27.99
CA PHE D 123 0.80 -21.21 29.11
C PHE D 123 -0.74 -21.06 28.99
N TYR D 124 -1.25 -22.29 29.23
CA TYR D 124 -2.67 -22.61 29.18
C TYR D 124 -3.34 -22.19 30.47
N ASN D 125 -4.31 -21.29 30.25
CA ASN D 125 -5.12 -20.75 31.32
C ASN D 125 -6.53 -21.18 30.90
N THR D 126 -7.09 -22.12 31.66
CA THR D 126 -8.39 -22.74 31.41
C THR D 126 -9.57 -21.82 31.09
N ALA D 127 -9.68 -20.71 31.84
CA ALA D 127 -10.73 -19.71 31.66
C ALA D 127 -10.82 -19.19 30.23
N TRP D 128 -9.78 -19.13 29.39
CA TRP D 128 -9.94 -18.59 28.06
C TRP D 128 -9.11 -19.23 26.98
N ASP D 129 -8.12 -20.08 27.25
CA ASP D 129 -7.30 -20.61 26.17
C ASP D 129 -7.89 -21.83 25.46
N PRO D 130 -7.50 -22.18 24.23
CA PRO D 130 -7.88 -23.41 23.56
C PRO D 130 -7.82 -24.65 24.47
N SER D 131 -8.94 -25.36 24.56
CA SER D 131 -9.10 -26.46 25.51
C SER D 131 -8.11 -27.61 25.39
N ASN D 132 -7.54 -27.84 24.20
CA ASN D 132 -6.54 -28.87 24.01
C ASN D 132 -5.17 -28.63 24.62
N GLY D 133 -5.07 -27.53 25.38
CA GLY D 133 -3.89 -27.15 26.12
C GLY D 133 -2.63 -26.82 25.35
N ASP D 134 -2.59 -26.74 24.04
CA ASP D 134 -1.34 -26.46 23.36
C ASP D 134 -0.90 -25.03 23.49
N ARG D 135 0.39 -24.80 23.29
CA ARG D 135 0.94 -23.46 23.20
C ARG D 135 0.52 -22.97 21.81
N HIS D 136 0.31 -21.68 21.58
CA HIS D 136 -0.30 -21.26 20.31
C HIS D 136 -0.04 -19.83 20.00
N ILE D 137 -0.19 -19.50 18.72
CA ILE D 137 -0.20 -18.12 18.23
C ILE D 137 -1.67 -17.68 18.09
N GLY D 138 -2.10 -16.51 18.59
CA GLY D 138 -3.48 -16.04 18.44
C GLY D 138 -3.56 -14.54 18.11
N ILE D 139 -4.75 -14.09 17.63
CA ILE D 139 -4.98 -12.67 17.35
C ILE D 139 -6.00 -12.18 18.36
N ASP D 140 -5.67 -11.18 19.17
CA ASP D 140 -6.54 -10.74 20.24
C ASP D 140 -7.01 -9.35 19.97
N VAL D 141 -8.29 -8.95 20.12
CA VAL D 141 -8.69 -7.58 19.92
C VAL D 141 -9.53 -7.28 21.13
N ASN D 142 -9.10 -6.34 21.96
CA ASN D 142 -9.82 -5.93 23.15
C ASN D 142 -10.08 -6.98 24.21
N SER D 143 -9.43 -8.15 24.17
CA SER D 143 -9.64 -9.21 25.13
C SER D 143 -8.45 -10.16 25.07
N ILE D 144 -8.19 -10.94 26.12
CA ILE D 144 -7.13 -11.95 26.11
C ILE D 144 -7.60 -13.25 25.47
N LYS D 145 -8.92 -13.30 25.17
CA LYS D 145 -9.50 -14.45 24.49
C LYS D 145 -9.27 -14.19 23.03
N SER D 146 -8.47 -15.00 22.36
CA SER D 146 -8.17 -14.79 20.96
C SER D 146 -9.38 -15.01 20.12
N ILE D 147 -9.53 -14.25 19.03
CA ILE D 147 -10.63 -14.46 18.10
C ILE D 147 -10.26 -15.64 17.24
N ASN D 148 -8.98 -16.04 17.16
CA ASN D 148 -8.58 -17.14 16.31
C ASN D 148 -7.20 -17.62 16.82
N THR D 149 -6.80 -18.86 16.63
CA THR D 149 -5.59 -19.44 17.23
C THR D 149 -5.03 -20.46 16.25
N LYS D 150 -3.71 -20.71 16.29
CA LYS D 150 -3.02 -21.78 15.54
C LYS D 150 -2.09 -22.45 16.56
N SER D 151 -1.99 -23.78 16.67
CA SER D 151 -1.11 -24.43 17.67
C SER D 151 0.34 -24.29 17.25
N TRP D 152 1.27 -24.12 18.20
CA TRP D 152 2.68 -23.91 17.87
C TRP D 152 3.52 -24.75 18.83
N ALA D 153 4.53 -25.46 18.29
CA ALA D 153 5.48 -26.20 19.12
C ALA D 153 6.69 -25.30 19.38
N LEU D 154 6.74 -24.87 20.63
CA LEU D 154 7.82 -24.03 21.09
C LEU D 154 9.14 -24.77 21.01
N GLN D 155 10.22 -24.16 20.52
CA GLN D 155 11.55 -24.76 20.58
C GLN D 155 12.36 -23.91 21.50
N ASN D 156 12.39 -24.40 22.72
CA ASN D 156 13.07 -23.77 23.84
C ASN D 156 14.47 -23.30 23.51
N GLY D 157 14.77 -22.03 23.75
CA GLY D 157 16.07 -21.42 23.48
C GLY D 157 16.42 -21.24 22.01
N LYS D 158 15.59 -21.60 21.05
CA LYS D 158 15.89 -21.43 19.65
C LYS D 158 15.34 -20.09 19.10
N GLU D 159 16.03 -19.39 18.21
CA GLU D 159 15.50 -18.12 17.73
C GLU D 159 14.51 -18.36 16.61
N ALA D 160 13.46 -17.54 16.71
CA ALA D 160 12.32 -17.59 15.82
C ALA D 160 12.22 -16.28 15.08
N ASN D 161 11.96 -16.40 13.78
CA ASN D 161 11.80 -15.25 12.91
C ASN D 161 10.34 -15.02 12.67
N VAL D 162 9.75 -13.87 13.02
CA VAL D 162 8.40 -13.59 12.58
C VAL D 162 8.19 -12.31 11.79
N VAL D 163 7.19 -12.45 10.92
CA VAL D 163 6.67 -11.41 10.03
C VAL D 163 5.18 -11.29 10.34
N ILE D 164 4.65 -10.05 10.53
CA ILE D 164 3.25 -9.70 10.75
C ILE D 164 3.03 -8.62 9.73
N ALA D 165 2.04 -8.72 8.86
CA ALA D 165 1.73 -7.71 7.85
C ALA D 165 0.24 -7.40 7.77
N PHE D 166 -0.19 -6.16 7.66
CA PHE D 166 -1.60 -5.80 7.58
C PHE D 166 -1.76 -5.11 6.25
N ASN D 167 -2.82 -5.50 5.51
CA ASN D 167 -3.13 -4.89 4.24
C ASN D 167 -4.49 -4.23 4.41
N ALA D 168 -4.58 -2.92 4.30
CA ALA D 168 -5.82 -2.18 4.48
C ALA D 168 -6.89 -2.42 3.43
N ALA D 169 -6.57 -2.77 2.18
CA ALA D 169 -7.61 -3.04 1.22
C ALA D 169 -8.41 -4.29 1.52
N THR D 170 -7.87 -5.35 2.13
CA THR D 170 -8.65 -6.53 2.38
C THR D 170 -8.81 -6.69 3.87
N ASN D 171 -8.25 -5.79 4.66
CA ASN D 171 -8.29 -5.83 6.10
C ASN D 171 -7.80 -7.14 6.67
N VAL D 172 -6.84 -7.78 6.03
CA VAL D 172 -6.33 -9.05 6.51
C VAL D 172 -5.03 -8.82 7.27
N LEU D 173 -4.92 -9.46 8.41
CA LEU D 173 -3.74 -9.42 9.24
C LEU D 173 -3.14 -10.82 9.10
N THR D 174 -1.88 -10.93 8.71
CA THR D 174 -1.19 -12.20 8.51
C THR D 174 -0.05 -12.32 9.49
N VAL D 175 0.12 -13.50 10.10
CA VAL D 175 1.18 -13.81 11.05
C VAL D 175 1.99 -15.01 10.53
N SER D 176 3.34 -14.99 10.49
CA SER D 176 4.18 -16.16 10.18
C SER D 176 5.28 -16.35 11.22
N LEU D 177 5.49 -17.51 11.85
CA LEU D 177 6.67 -17.75 12.67
C LEU D 177 7.56 -18.81 12.00
N THR D 178 8.87 -18.73 11.86
CA THR D 178 9.65 -19.84 11.37
C THR D 178 10.88 -20.01 12.23
N TYR D 179 11.16 -21.29 12.49
CA TYR D 179 12.35 -21.80 13.19
C TYR D 179 13.24 -22.28 12.04
N PRO D 180 14.40 -21.66 11.81
CA PRO D 180 15.28 -22.04 10.73
C PRO D 180 16.20 -23.23 11.08
N THR E 2 10.34 -24.91 9.71
CA THR E 2 9.07 -25.25 10.31
C THR E 2 8.43 -23.88 10.41
N SER E 3 7.20 -23.73 9.96
CA SER E 3 6.57 -22.43 9.95
C SER E 3 5.15 -22.60 10.41
N TYR E 4 4.58 -21.51 10.90
CA TYR E 4 3.21 -21.50 11.33
C TYR E 4 2.70 -20.20 10.80
N THR E 5 1.53 -20.25 10.19
CA THR E 5 0.92 -19.06 9.61
C THR E 5 -0.53 -18.98 10.06
N LEU E 6 -0.99 -17.77 10.34
CA LEU E 6 -2.35 -17.51 10.70
C LEU E 6 -2.76 -16.27 9.89
N ASN E 7 -4.02 -16.13 9.49
CA ASN E 7 -4.55 -15.00 8.71
C ASN E 7 -5.92 -14.72 9.32
N GLU E 8 -6.33 -13.47 9.36
CA GLU E 8 -7.63 -13.12 9.87
C GLU E 8 -8.08 -11.77 9.32
N VAL E 9 -9.39 -11.50 9.20
CA VAL E 9 -9.83 -10.21 8.71
C VAL E 9 -10.00 -9.44 9.97
N VAL E 10 -9.31 -8.32 10.13
CA VAL E 10 -9.48 -7.51 11.30
C VAL E 10 -9.60 -6.04 10.85
N PRO E 11 -10.84 -5.48 10.79
CA PRO E 11 -11.08 -4.07 10.52
C PRO E 11 -10.46 -3.13 11.57
N LEU E 12 -9.15 -2.82 11.49
CA LEU E 12 -8.46 -2.01 12.51
C LEU E 12 -9.01 -0.64 12.84
N LYS E 13 -9.59 0.01 11.87
CA LYS E 13 -10.29 1.26 12.08
C LYS E 13 -11.40 1.17 13.13
N GLU E 14 -11.99 0.02 13.36
CA GLU E 14 -13.09 -0.12 14.28
C GLU E 14 -12.61 -0.36 15.69
N PHE E 15 -11.32 -0.65 15.88
CA PHE E 15 -10.79 -0.98 17.18
C PHE E 15 -9.76 -0.01 17.72
N VAL E 16 -8.83 0.54 16.93
CA VAL E 16 -7.74 1.34 17.54
C VAL E 16 -7.89 2.83 17.23
N PRO E 17 -7.33 3.80 17.98
CA PRO E 17 -7.33 5.20 17.61
C PRO E 17 -6.59 5.42 16.30
N GLU E 18 -6.79 6.63 15.76
CA GLU E 18 -6.12 7.10 14.56
C GLU E 18 -4.60 7.07 14.71
N TRP E 19 -4.09 7.42 15.90
CA TRP E 19 -2.66 7.36 16.22
C TRP E 19 -2.45 6.29 17.28
N VAL E 20 -1.42 5.46 17.14
CA VAL E 20 -1.09 4.38 18.05
C VAL E 20 0.43 4.32 18.30
N ARG E 21 0.82 3.58 19.34
CA ARG E 21 2.21 3.24 19.56
C ARG E 21 2.23 1.74 19.42
N ILE E 22 3.34 1.17 18.92
CA ILE E 22 3.50 -0.26 18.67
C ILE E 22 4.62 -0.77 19.56
N GLY E 23 4.64 -2.05 19.93
CA GLY E 23 5.68 -2.49 20.79
C GLY E 23 5.52 -3.92 21.16
N PHE E 24 6.25 -4.35 22.19
CA PHE E 24 6.22 -5.74 22.57
C PHE E 24 5.97 -5.82 24.04
N SER E 25 5.32 -6.87 24.47
CA SER E 25 5.28 -7.09 25.91
C SER E 25 5.53 -8.55 26.21
N ALA E 26 5.92 -8.85 27.45
CA ALA E 26 6.03 -10.24 27.85
C ALA E 26 5.88 -10.30 29.34
N THR E 27 5.45 -11.43 29.86
CA THR E 27 5.21 -11.60 31.27
C THR E 27 5.59 -13.00 31.71
N THR E 28 5.73 -13.12 33.02
CA THR E 28 5.84 -14.41 33.68
C THR E 28 4.81 -14.41 34.83
N GLY E 29 4.48 -15.56 35.42
CA GLY E 29 3.59 -15.60 36.54
C GLY E 29 4.22 -16.52 37.55
N ALA E 30 3.54 -17.60 37.84
CA ALA E 30 4.06 -18.59 38.77
C ALA E 30 5.07 -19.45 38.02
N GLU E 31 5.00 -19.57 36.70
CA GLU E 31 6.06 -20.22 35.95
C GLU E 31 6.78 -19.15 35.14
N PHE E 32 7.89 -19.43 34.47
CA PHE E 32 8.66 -18.35 33.85
C PHE E 32 9.56 -18.82 32.71
N ALA E 33 10.12 -17.86 31.99
CA ALA E 33 11.09 -18.03 30.92
C ALA E 33 11.67 -16.63 30.67
N ALA E 34 12.83 -16.49 29.99
CA ALA E 34 13.37 -15.22 29.57
C ALA E 34 12.79 -14.99 28.17
N HIS E 35 12.45 -13.76 27.83
CA HIS E 35 11.89 -13.45 26.54
C HIS E 35 12.78 -12.35 25.99
N GLU E 36 13.32 -12.48 24.79
CA GLU E 36 14.26 -11.48 24.29
C GLU E 36 14.05 -11.23 22.81
N VAL E 37 14.27 -10.03 22.30
CA VAL E 37 14.11 -9.76 20.89
C VAL E 37 15.53 -9.41 20.43
N LEU E 38 15.94 -10.03 19.32
CA LEU E 38 17.26 -9.88 18.76
C LEU E 38 17.29 -8.85 17.63
N SER E 39 16.23 -8.59 16.87
CA SER E 39 16.25 -7.55 15.87
C SER E 39 14.80 -7.14 15.57
N TRP E 40 14.55 -5.96 14.98
CA TRP E 40 13.20 -5.47 14.72
C TRP E 40 13.24 -4.51 13.53
N TYR E 41 12.39 -4.73 12.51
CA TYR E 41 12.18 -3.88 11.37
C TYR E 41 10.70 -3.48 11.34
N PHE E 42 10.32 -2.22 11.11
CA PHE E 42 8.93 -1.85 11.00
C PHE E 42 8.76 -0.99 9.77
N HIS E 43 7.64 -1.03 9.03
CA HIS E 43 7.38 -0.06 7.98
C HIS E 43 5.88 0.25 7.99
N SER E 44 5.32 1.45 7.98
CA SER E 44 3.90 1.67 7.79
C SER E 44 3.69 2.74 6.71
N GLU E 45 2.63 2.67 5.93
CA GLU E 45 2.34 3.64 4.91
C GLU E 45 0.85 4.03 4.93
N LEU E 46 0.48 5.31 4.83
CA LEU E 46 -0.90 5.77 4.89
C LEU E 46 -1.06 6.80 3.79
N ALA E 47 -2.00 6.49 2.90
CA ALA E 47 -2.33 7.36 1.79
C ALA E 47 -3.16 8.54 2.24
N GLY E 48 -2.91 9.63 1.54
CA GLY E 48 -3.59 10.88 1.82
C GLY E 48 -3.21 11.88 0.75
N THR G 1 -9.90 -23.32 -8.51
CA THR G 1 -10.42 -22.05 -8.07
C THR G 1 -9.95 -20.99 -9.04
N GLU G 2 -10.89 -20.11 -9.30
CA GLU G 2 -10.72 -18.92 -10.11
C GLU G 2 -11.43 -17.85 -9.31
N THR G 3 -10.83 -16.70 -9.17
CA THR G 3 -11.33 -15.54 -8.45
C THR G 3 -11.13 -14.30 -9.35
N THR G 4 -12.04 -13.31 -9.35
CA THR G 4 -11.94 -12.03 -10.03
C THR G 4 -12.49 -11.03 -9.02
N SER G 5 -11.71 -10.00 -8.67
CA SER G 5 -12.09 -8.95 -7.76
C SER G 5 -11.61 -7.58 -8.26
N PHE G 6 -12.34 -6.49 -8.02
CA PHE G 6 -11.87 -5.16 -8.33
C PHE G 6 -12.67 -4.17 -7.50
N SER G 7 -12.16 -2.97 -7.26
CA SER G 7 -12.90 -1.94 -6.54
C SER G 7 -12.50 -0.64 -7.15
N ILE G 8 -13.47 0.26 -7.38
CA ILE G 8 -13.25 1.57 -7.98
C ILE G 8 -14.11 2.40 -7.04
N THR G 9 -13.39 3.02 -6.17
CA THR G 9 -14.02 3.86 -5.19
C THR G 9 -14.27 5.24 -5.73
N LYS G 10 -13.70 5.66 -6.86
CA LYS G 10 -13.88 6.99 -7.40
C LYS G 10 -13.53 6.78 -8.84
N PHE G 11 -14.33 7.19 -9.80
CA PHE G 11 -14.03 6.98 -11.21
C PHE G 11 -13.17 8.12 -11.65
N GLY G 12 -12.38 8.00 -12.70
CA GLY G 12 -11.58 9.11 -13.17
C GLY G 12 -11.71 9.17 -14.67
N PRO G 13 -11.25 10.22 -15.32
CA PRO G 13 -11.51 10.47 -16.72
C PRO G 13 -10.87 9.49 -17.69
N ASP G 14 -9.93 8.62 -17.30
CA ASP G 14 -9.36 7.68 -18.25
C ASP G 14 -9.58 6.35 -17.55
N GLN G 15 -10.76 5.75 -17.58
CA GLN G 15 -10.98 4.52 -16.83
C GLN G 15 -10.83 3.41 -17.83
N GLN G 16 -9.59 2.99 -18.15
CA GLN G 16 -9.37 1.94 -19.16
C GLN G 16 -9.85 0.53 -18.86
N ASN G 17 -10.14 0.15 -17.63
CA ASN G 17 -10.62 -1.17 -17.33
C ASN G 17 -12.13 -1.26 -17.45
N LEU G 18 -12.80 -0.29 -18.05
CA LEU G 18 -14.24 -0.35 -18.31
C LEU G 18 -14.44 -0.22 -19.82
N ILE G 19 -15.49 -0.83 -20.32
CA ILE G 19 -15.99 -0.74 -21.67
C ILE G 19 -17.29 0.05 -21.59
N PHE G 20 -17.31 1.15 -22.37
CA PHE G 20 -18.40 2.12 -22.41
C PHE G 20 -19.22 1.84 -23.66
N GLN G 21 -20.54 1.81 -23.55
CA GLN G 21 -21.41 1.66 -24.69
C GLN G 21 -22.47 2.78 -24.67
N GLY G 22 -23.04 3.16 -25.81
CA GLY G 22 -24.02 4.23 -25.89
C GLY G 22 -23.39 5.51 -25.41
N ASP G 23 -24.03 6.21 -24.48
CA ASP G 23 -23.54 7.50 -24.03
C ASP G 23 -22.81 7.43 -22.73
N GLY G 24 -22.48 6.23 -22.27
CA GLY G 24 -21.84 6.13 -20.96
C GLY G 24 -20.46 6.74 -20.99
N TYR G 25 -20.03 7.41 -19.93
CA TYR G 25 -18.68 7.92 -19.87
C TYR G 25 -18.41 8.24 -18.44
N THR G 26 -17.17 8.50 -18.18
CA THR G 26 -16.73 8.88 -16.89
C THR G 26 -16.34 10.37 -16.93
N THR G 27 -16.69 11.15 -15.94
CA THR G 27 -16.31 12.53 -15.92
C THR G 27 -16.01 12.78 -14.49
N LYS G 28 -14.73 12.43 -14.21
CA LYS G 28 -14.05 12.64 -12.92
C LYS G 28 -14.87 12.41 -11.64
N GLU G 29 -14.40 11.61 -10.68
CA GLU G 29 -15.21 11.13 -9.54
C GLU G 29 -16.37 10.25 -10.05
N ARG G 30 -17.16 10.53 -11.11
CA ARG G 30 -18.34 9.72 -11.47
C ARG G 30 -18.50 8.93 -12.75
N LEU G 31 -19.24 7.82 -12.77
CA LEU G 31 -19.54 7.16 -14.01
C LEU G 31 -20.91 7.68 -14.47
N THR G 32 -21.14 8.41 -15.56
CA THR G 32 -22.53 8.80 -15.88
C THR G 32 -23.02 8.01 -17.07
N LEU G 33 -24.13 7.32 -16.75
CA LEU G 33 -24.70 6.43 -17.73
C LEU G 33 -25.63 7.13 -18.66
N THR G 34 -26.41 8.06 -18.06
CA THR G 34 -27.28 8.98 -18.81
C THR G 34 -27.25 10.36 -18.13
N LYS G 35 -27.36 11.39 -18.97
CA LYS G 35 -27.57 12.76 -18.53
C LYS G 35 -29.10 12.92 -18.50
N ALA G 36 -29.65 13.98 -17.88
CA ALA G 36 -31.10 14.16 -17.82
C ALA G 36 -31.61 14.68 -19.16
N VAL G 37 -31.51 13.86 -20.20
CA VAL G 37 -31.90 14.27 -21.52
C VAL G 37 -32.63 13.07 -22.09
N ARG G 38 -33.36 13.18 -23.18
CA ARG G 38 -34.18 12.06 -23.52
C ARG G 38 -33.72 11.31 -24.75
N ASN G 39 -34.34 10.13 -24.71
CA ASN G 39 -34.11 8.99 -25.59
C ASN G 39 -32.63 8.64 -25.70
N THR G 40 -31.96 8.44 -24.55
CA THR G 40 -30.54 8.10 -24.53
C THR G 40 -30.35 6.77 -23.77
N VAL G 41 -29.24 6.09 -24.12
CA VAL G 41 -28.84 4.80 -23.58
C VAL G 41 -27.41 4.90 -23.14
N GLY G 42 -27.00 4.40 -22.00
CA GLY G 42 -25.57 4.35 -21.72
C GLY G 42 -25.35 3.08 -20.92
N ARG G 43 -24.29 2.32 -21.25
CA ARG G 43 -23.93 1.15 -20.45
C ARG G 43 -22.42 1.20 -20.20
N ALA G 44 -21.96 0.49 -19.18
CA ALA G 44 -20.54 0.38 -18.87
C ALA G 44 -20.33 -1.03 -18.38
N LEU G 45 -19.31 -1.73 -18.84
CA LEU G 45 -19.05 -3.12 -18.44
C LEU G 45 -17.62 -3.27 -17.89
N TYR G 46 -17.31 -4.17 -16.96
CA TYR G 46 -15.93 -4.33 -16.50
C TYR G 46 -15.19 -5.01 -17.65
N SER G 47 -13.92 -4.72 -17.93
CA SER G 47 -13.27 -5.26 -19.09
C SER G 47 -13.00 -6.71 -19.07
N SER G 48 -12.70 -7.37 -17.96
CA SER G 48 -12.41 -8.80 -18.00
C SER G 48 -13.69 -9.68 -18.04
N PRO G 49 -13.82 -10.75 -18.84
CA PRO G 49 -14.84 -11.78 -18.71
C PRO G 49 -14.77 -12.36 -17.30
N ILE G 50 -15.87 -12.77 -16.70
CA ILE G 50 -15.76 -13.44 -15.44
C ILE G 50 -16.32 -14.86 -15.60
N HIS G 51 -15.69 -15.86 -15.01
CA HIS G 51 -16.13 -17.23 -15.16
C HIS G 51 -17.20 -17.49 -14.12
N ILE G 52 -18.50 -17.53 -14.46
CA ILE G 52 -19.60 -17.63 -13.47
C ILE G 52 -19.98 -19.09 -13.20
N TRP G 53 -19.78 -20.02 -14.11
CA TRP G 53 -20.00 -21.42 -13.82
C TRP G 53 -19.15 -22.20 -14.83
N ASP G 54 -18.99 -23.49 -14.61
CA ASP G 54 -18.15 -24.29 -15.45
C ASP G 54 -18.86 -25.55 -15.83
N SER G 55 -18.86 -25.94 -17.10
CA SER G 55 -19.51 -27.18 -17.46
C SER G 55 -18.68 -28.44 -17.14
N LYS G 56 -17.35 -28.37 -17.01
CA LYS G 56 -16.53 -29.53 -16.68
C LYS G 56 -16.82 -30.03 -15.28
N THR G 57 -17.32 -29.19 -14.37
CA THR G 57 -17.59 -29.62 -13.01
C THR G 57 -19.01 -29.33 -12.60
N GLY G 58 -19.71 -28.42 -13.28
CA GLY G 58 -21.08 -28.01 -12.93
C GLY G 58 -21.15 -27.02 -11.78
N ASN G 59 -20.00 -26.60 -11.26
CA ASN G 59 -19.91 -25.61 -10.18
C ASN G 59 -20.30 -24.24 -10.69
N VAL G 60 -20.91 -23.46 -9.81
CA VAL G 60 -21.38 -22.13 -10.10
C VAL G 60 -20.72 -21.28 -9.03
N ALA G 61 -20.37 -20.04 -9.40
CA ALA G 61 -19.67 -19.15 -8.49
C ALA G 61 -20.58 -18.47 -7.48
N ASN G 62 -19.94 -18.09 -6.41
CA ASN G 62 -20.55 -17.18 -5.44
C ASN G 62 -20.08 -15.78 -5.84
N PHE G 63 -20.81 -14.71 -5.61
CA PHE G 63 -20.32 -13.38 -5.95
C PHE G 63 -21.08 -12.37 -5.12
N VAL G 64 -20.53 -11.18 -4.97
CA VAL G 64 -21.16 -10.06 -4.33
C VAL G 64 -20.69 -8.84 -5.10
N THR G 65 -21.52 -7.82 -5.27
CA THR G 65 -21.11 -6.58 -5.82
C THR G 65 -21.79 -5.54 -4.92
N SER G 66 -21.16 -4.38 -4.83
CA SER G 66 -21.67 -3.32 -4.02
C SER G 66 -21.47 -2.06 -4.84
N PHE G 67 -22.42 -1.12 -4.90
CA PHE G 67 -22.25 0.10 -5.61
C PHE G 67 -23.11 1.19 -5.03
N THR G 68 -22.69 2.44 -5.18
CA THR G 68 -23.58 3.50 -4.79
C THR G 68 -23.98 4.26 -6.04
N PHE G 69 -25.25 4.61 -6.20
CA PHE G 69 -25.67 5.33 -7.39
C PHE G 69 -26.58 6.52 -7.07
N VAL G 70 -27.01 7.31 -8.06
CA VAL G 70 -27.84 8.49 -7.84
C VAL G 70 -28.71 8.59 -9.06
N ILE G 71 -30.03 8.86 -8.89
CA ILE G 71 -30.90 9.27 -9.99
C ILE G 71 -31.23 10.73 -9.67
N ASP G 72 -31.07 11.61 -10.65
CA ASP G 72 -31.26 13.04 -10.52
C ASP G 72 -32.23 13.49 -11.56
N ALA G 73 -33.50 13.68 -11.21
CA ALA G 73 -34.53 14.10 -12.15
C ALA G 73 -34.96 15.55 -11.87
N PRO G 74 -35.53 16.27 -12.84
CA PRO G 74 -36.04 17.64 -12.63
C PRO G 74 -37.09 17.78 -11.54
N ASN G 75 -37.99 16.81 -11.43
CA ASN G 75 -39.05 16.86 -10.44
C ASN G 75 -39.35 15.39 -10.14
N SER G 76 -39.96 15.09 -9.00
CA SER G 76 -40.24 13.73 -8.60
C SER G 76 -41.46 13.07 -9.24
N TYR G 77 -42.03 13.64 -10.31
CA TYR G 77 -43.24 13.09 -10.88
C TYR G 77 -42.97 12.54 -12.27
N ASN G 78 -42.03 13.13 -13.01
CA ASN G 78 -41.69 12.73 -14.38
C ASN G 78 -40.27 12.16 -14.41
N VAL G 79 -40.12 10.91 -13.99
CA VAL G 79 -38.81 10.27 -13.89
C VAL G 79 -38.90 9.06 -14.80
N ALA G 80 -37.94 8.86 -15.72
CA ALA G 80 -37.89 7.64 -16.49
C ALA G 80 -36.41 7.42 -16.91
N ASP G 81 -35.95 6.25 -17.36
CA ASP G 81 -36.65 5.02 -17.16
C ASP G 81 -36.18 4.11 -16.04
N GLY G 82 -34.90 4.30 -15.67
CA GLY G 82 -34.30 3.51 -14.60
C GLY G 82 -32.88 3.01 -15.02
N PHE G 83 -32.34 2.12 -14.19
CA PHE G 83 -30.97 1.67 -14.18
C PHE G 83 -30.96 0.18 -13.87
N THR G 84 -29.96 -0.56 -14.36
CA THR G 84 -29.84 -1.98 -14.19
C THR G 84 -28.42 -2.38 -13.78
N PHE G 85 -28.22 -3.39 -12.94
CA PHE G 85 -26.95 -4.11 -12.85
C PHE G 85 -27.23 -5.36 -13.69
N PHE G 86 -26.41 -5.82 -14.62
CA PHE G 86 -26.71 -7.01 -15.38
C PHE G 86 -25.49 -7.94 -15.63
N ILE G 87 -25.80 -9.18 -15.96
CA ILE G 87 -24.88 -10.25 -16.26
C ILE G 87 -25.34 -10.68 -17.66
N ALA G 88 -24.46 -10.71 -18.65
CA ALA G 88 -24.88 -11.02 -20.00
C ALA G 88 -23.72 -11.72 -20.70
N PRO G 89 -23.86 -12.23 -21.91
CA PRO G 89 -22.74 -12.69 -22.74
C PRO G 89 -21.60 -11.69 -22.89
N VAL G 90 -20.33 -12.14 -22.97
CA VAL G 90 -19.10 -11.34 -23.09
C VAL G 90 -19.16 -10.27 -24.16
N ASP G 91 -19.83 -10.59 -25.28
CA ASP G 91 -19.88 -9.66 -26.40
C ASP G 91 -21.18 -8.85 -26.50
N THR G 92 -21.90 -8.71 -25.37
CA THR G 92 -23.13 -7.92 -25.31
C THR G 92 -23.09 -6.50 -25.83
N LYS G 93 -24.04 -6.13 -26.69
CA LYS G 93 -24.17 -4.80 -27.22
C LYS G 93 -25.52 -4.20 -26.71
N PRO G 94 -25.79 -2.89 -26.68
CA PRO G 94 -27.02 -2.33 -26.11
C PRO G 94 -28.30 -2.88 -26.78
N GLN G 95 -29.33 -3.30 -26.04
CA GLN G 95 -30.57 -3.79 -26.63
C GLN G 95 -31.60 -2.66 -26.75
N THR G 96 -32.92 -2.86 -26.67
CA THR G 96 -33.87 -1.73 -26.81
C THR G 96 -33.92 -0.65 -25.68
N GLY G 97 -34.04 0.62 -26.08
CA GLY G 97 -34.05 1.75 -25.19
C GLY G 97 -35.42 1.94 -24.52
N GLY G 98 -35.57 3.12 -23.96
CA GLY G 98 -36.80 3.46 -23.25
C GLY G 98 -37.05 2.54 -22.05
N GLY G 99 -38.26 1.99 -21.99
CA GLY G 99 -38.68 1.13 -20.89
C GLY G 99 -38.07 -0.24 -20.91
N TYR G 100 -37.34 -0.60 -21.96
CA TYR G 100 -36.68 -1.88 -22.05
C TYR G 100 -35.29 -1.83 -21.38
N LEU G 101 -34.88 -0.61 -20.97
CA LEU G 101 -33.71 -0.36 -20.12
C LEU G 101 -32.36 -0.74 -20.72
N GLY G 102 -32.30 -0.98 -22.03
CA GLY G 102 -31.06 -1.19 -22.80
C GLY G 102 -30.54 -2.61 -22.70
N VAL G 103 -31.32 -3.46 -22.07
CA VAL G 103 -30.88 -4.79 -21.70
C VAL G 103 -31.80 -5.83 -22.30
N PHE G 104 -33.06 -5.48 -22.60
CA PHE G 104 -33.98 -6.45 -23.16
C PHE G 104 -34.68 -5.88 -24.38
N ASN G 105 -35.43 -6.75 -25.05
CA ASN G 105 -36.16 -6.39 -26.26
C ASN G 105 -37.65 -6.72 -26.23
N SER G 106 -38.20 -7.45 -25.25
CA SER G 106 -39.62 -7.79 -25.19
C SER G 106 -40.06 -8.24 -23.81
N LYS G 107 -41.38 -8.40 -23.58
CA LYS G 107 -41.89 -8.84 -22.28
C LYS G 107 -42.08 -10.33 -22.24
N ASP G 108 -41.98 -11.01 -23.36
CA ASP G 108 -42.10 -12.45 -23.39
C ASP G 108 -40.73 -13.03 -23.02
N TYR G 109 -40.66 -14.22 -22.45
CA TYR G 109 -39.41 -14.86 -22.11
C TYR G 109 -38.59 -15.17 -23.34
N ASP G 110 -37.32 -14.78 -23.41
CA ASP G 110 -36.49 -15.19 -24.52
C ASP G 110 -35.21 -15.84 -24.05
N LYS G 111 -35.15 -17.13 -24.35
CA LYS G 111 -34.02 -17.97 -24.00
C LYS G 111 -32.72 -17.55 -24.67
N THR G 112 -32.76 -16.96 -25.85
CA THR G 112 -31.54 -16.56 -26.50
C THR G 112 -31.01 -15.29 -25.84
N SER G 113 -31.78 -14.58 -25.01
CA SER G 113 -31.30 -13.38 -24.36
C SER G 113 -30.07 -13.67 -23.49
N GLN G 114 -30.13 -14.68 -22.64
CA GLN G 114 -29.10 -15.05 -21.70
C GLN G 114 -28.57 -13.90 -20.85
N THR G 115 -29.48 -13.00 -20.37
CA THR G 115 -29.18 -11.82 -19.57
C THR G 115 -30.05 -11.90 -18.34
N VAL G 116 -29.48 -11.73 -17.15
CA VAL G 116 -30.31 -11.53 -15.98
C VAL G 116 -29.88 -10.17 -15.45
N ALA G 117 -30.91 -9.40 -15.08
CA ALA G 117 -30.72 -8.02 -14.68
C ALA G 117 -31.48 -7.74 -13.39
N VAL G 118 -30.96 -6.79 -12.60
CA VAL G 118 -31.62 -6.39 -11.38
C VAL G 118 -31.89 -4.94 -11.73
N GLU G 119 -33.19 -4.61 -11.78
CA GLU G 119 -33.58 -3.30 -12.21
C GLU G 119 -34.07 -2.43 -11.08
N PHE G 120 -33.82 -1.15 -11.21
CA PHE G 120 -34.33 -0.07 -10.40
C PHE G 120 -35.16 0.80 -11.38
N ASP G 121 -36.44 0.47 -11.47
CA ASP G 121 -37.38 0.99 -12.45
C ASP G 121 -38.23 2.17 -11.97
N THR G 122 -38.11 3.33 -12.62
CA THR G 122 -38.76 4.53 -12.17
C THR G 122 -39.96 4.94 -12.98
N PHE G 123 -40.46 4.16 -13.96
CA PHE G 123 -41.58 4.56 -14.83
C PHE G 123 -42.35 3.29 -15.16
N TYR G 124 -43.65 3.52 -15.01
CA TYR G 124 -44.71 2.53 -15.21
C TYR G 124 -45.09 2.37 -16.67
N ASN G 125 -44.95 1.16 -17.21
CA ASN G 125 -45.26 0.86 -18.61
C ASN G 125 -46.33 -0.15 -18.31
N THR G 126 -47.58 0.09 -18.70
CA THR G 126 -48.70 -0.75 -18.26
C THR G 126 -48.60 -2.15 -18.78
N ALA G 127 -47.97 -2.28 -19.97
CA ALA G 127 -47.82 -3.57 -20.59
C ALA G 127 -47.13 -4.64 -19.76
N TRP G 128 -46.33 -4.30 -18.74
CA TRP G 128 -45.66 -5.34 -17.97
C TRP G 128 -45.33 -4.96 -16.54
N ASP G 129 -45.28 -3.65 -16.19
CA ASP G 129 -44.96 -3.29 -14.81
C ASP G 129 -46.07 -3.54 -13.84
N PRO G 130 -45.78 -3.74 -12.57
CA PRO G 130 -46.82 -4.03 -11.60
C PRO G 130 -47.90 -2.96 -11.54
N SER G 131 -49.10 -3.53 -11.44
CA SER G 131 -50.37 -2.80 -11.49
C SER G 131 -50.54 -1.59 -10.57
N ASN G 132 -50.02 -1.65 -9.35
CA ASN G 132 -50.07 -0.50 -8.43
C ASN G 132 -49.40 0.76 -8.93
N GLY G 133 -48.63 0.70 -10.04
CA GLY G 133 -48.01 1.87 -10.65
C GLY G 133 -46.79 2.36 -9.91
N ASP G 134 -46.37 1.72 -8.81
CA ASP G 134 -45.20 2.16 -8.04
C ASP G 134 -43.85 1.89 -8.69
N ARG G 135 -42.84 2.67 -8.28
CA ARG G 135 -41.45 2.45 -8.67
C ARG G 135 -41.01 1.20 -7.93
N HIS G 136 -40.03 0.47 -8.45
CA HIS G 136 -39.73 -0.81 -7.87
C HIS G 136 -38.39 -1.37 -8.29
N ILE G 137 -38.00 -2.34 -7.47
CA ILE G 137 -36.80 -3.10 -7.73
C ILE G 137 -37.31 -4.37 -8.32
N GLY G 138 -36.69 -4.90 -9.38
CA GLY G 138 -37.09 -6.18 -9.95
C GLY G 138 -35.92 -7.08 -10.33
N ILE G 139 -36.15 -8.38 -10.33
CA ILE G 139 -35.18 -9.33 -10.85
C ILE G 139 -35.75 -9.79 -12.21
N ASP G 140 -35.07 -9.48 -13.29
CA ASP G 140 -35.46 -9.81 -14.62
C ASP G 140 -34.66 -10.97 -15.17
N VAL G 141 -35.29 -12.01 -15.70
CA VAL G 141 -34.52 -13.03 -16.34
C VAL G 141 -35.08 -13.36 -17.69
N ASN G 142 -34.34 -12.86 -18.67
CA ASN G 142 -34.59 -13.06 -20.09
C ASN G 142 -35.85 -12.37 -20.58
N SER G 143 -36.19 -11.24 -19.93
CA SER G 143 -37.41 -10.48 -20.18
C SER G 143 -37.42 -9.26 -19.29
N ILE G 144 -38.05 -8.23 -19.82
CA ILE G 144 -38.25 -6.99 -19.09
C ILE G 144 -39.40 -7.13 -18.09
N LYS G 145 -40.14 -8.23 -18.09
CA LYS G 145 -41.20 -8.38 -17.13
C LYS G 145 -40.57 -9.18 -16.01
N SER G 146 -40.46 -8.63 -14.82
CA SER G 146 -39.73 -9.21 -13.70
C SER G 146 -40.30 -10.49 -13.13
N ILE G 147 -39.48 -11.40 -12.60
CA ILE G 147 -40.06 -12.56 -11.95
C ILE G 147 -40.55 -12.15 -10.58
N ASN G 148 -40.09 -11.03 -10.06
CA ASN G 148 -40.47 -10.61 -8.73
C ASN G 148 -40.07 -9.17 -8.60
N THR G 149 -40.78 -8.39 -7.77
CA THR G 149 -40.56 -6.95 -7.62
C THR G 149 -40.80 -6.58 -6.17
N LYS G 150 -40.30 -5.41 -5.79
CA LYS G 150 -40.43 -4.86 -4.47
C LYS G 150 -40.71 -3.39 -4.66
N SER G 151 -41.75 -2.77 -4.09
CA SER G 151 -41.93 -1.32 -4.21
C SER G 151 -40.84 -0.51 -3.52
N TRP G 152 -40.37 0.55 -4.16
CA TRP G 152 -39.28 1.36 -3.65
C TRP G 152 -39.70 2.79 -3.80
N ALA G 153 -39.48 3.65 -2.82
CA ALA G 153 -39.81 5.07 -3.01
C ALA G 153 -38.48 5.75 -3.28
N LEU G 154 -38.38 6.34 -4.47
CA LEU G 154 -37.17 6.97 -4.94
C LEU G 154 -36.96 8.25 -4.15
N GLN G 155 -35.77 8.51 -3.60
CA GLN G 155 -35.46 9.80 -3.02
C GLN G 155 -34.61 10.47 -4.09
N ASN G 156 -35.19 11.41 -4.78
CA ASN G 156 -34.59 12.05 -5.93
C ASN G 156 -33.37 12.84 -5.56
N GLY G 157 -32.29 12.65 -6.34
CA GLY G 157 -31.02 13.32 -6.16
C GLY G 157 -30.25 12.73 -5.01
N LYS G 158 -30.58 11.62 -4.38
CA LYS G 158 -29.90 11.12 -3.18
C LYS G 158 -29.14 9.84 -3.48
N GLU G 159 -28.02 9.61 -2.81
CA GLU G 159 -27.14 8.45 -2.97
C GLU G 159 -27.71 7.21 -2.29
N ALA G 160 -27.88 6.16 -3.08
CA ALA G 160 -28.47 4.93 -2.63
C ALA G 160 -27.38 3.86 -2.57
N ASN G 161 -27.36 2.96 -1.61
CA ASN G 161 -26.29 2.00 -1.50
C ASN G 161 -26.83 0.64 -1.81
N VAL G 162 -26.26 -0.15 -2.73
CA VAL G 162 -26.81 -1.46 -3.09
C VAL G 162 -25.80 -2.60 -2.93
N VAL G 163 -26.26 -3.73 -2.35
CA VAL G 163 -25.49 -4.95 -2.29
C VAL G 163 -26.35 -5.96 -3.07
N ILE G 164 -25.73 -6.76 -3.95
CA ILE G 164 -26.39 -7.87 -4.61
C ILE G 164 -25.49 -9.05 -4.33
N ALA G 165 -26.03 -10.18 -3.86
CA ALA G 165 -25.23 -11.29 -3.49
C ALA G 165 -25.80 -12.53 -4.10
N PHE G 166 -25.00 -13.52 -4.49
CA PHE G 166 -25.53 -14.76 -5.02
C PHE G 166 -24.77 -15.87 -4.31
N ASN G 167 -25.53 -16.80 -3.75
CA ASN G 167 -25.01 -17.88 -2.96
C ASN G 167 -25.24 -19.07 -3.83
N ALA G 168 -24.20 -19.74 -4.26
CA ALA G 168 -24.35 -20.83 -5.19
C ALA G 168 -24.91 -22.10 -4.56
N ALA G 169 -24.84 -22.25 -3.23
CA ALA G 169 -25.40 -23.42 -2.57
C ALA G 169 -26.90 -23.46 -2.71
N THR G 170 -27.58 -22.31 -2.64
CA THR G 170 -29.01 -22.34 -2.68
C THR G 170 -29.57 -21.71 -3.92
N ASN G 171 -28.74 -21.14 -4.78
CA ASN G 171 -29.11 -20.34 -5.92
C ASN G 171 -29.91 -19.10 -5.57
N VAL G 172 -29.78 -18.54 -4.38
CA VAL G 172 -30.54 -17.33 -4.03
C VAL G 172 -29.78 -16.08 -4.43
N LEU G 173 -30.51 -15.21 -5.13
CA LEU G 173 -30.04 -13.88 -5.46
C LEU G 173 -30.68 -12.93 -4.44
N THR G 174 -29.89 -12.15 -3.68
CA THR G 174 -30.40 -11.22 -2.73
C THR G 174 -30.06 -9.80 -3.13
N VAL G 175 -30.92 -8.79 -3.06
CA VAL G 175 -30.52 -7.43 -3.38
C VAL G 175 -31.01 -6.58 -2.24
N SER G 176 -30.18 -5.64 -1.78
CA SER G 176 -30.57 -4.72 -0.73
C SER G 176 -30.33 -3.31 -1.22
N LEU G 177 -31.19 -2.32 -1.04
CA LEU G 177 -30.89 -0.94 -1.40
C LEU G 177 -31.10 -0.24 -0.07
N THR G 178 -30.22 0.63 0.37
CA THR G 178 -30.38 1.45 1.55
C THR G 178 -30.18 2.95 1.28
N TYR G 179 -31.06 3.77 1.89
CA TYR G 179 -30.80 5.21 1.96
C TYR G 179 -30.41 5.47 3.41
N PRO G 180 -29.38 6.26 3.70
CA PRO G 180 -28.87 6.56 5.04
C PRO G 180 -29.80 7.18 6.09
N GLU H 1 -32.53 4.17 8.88
CA GLU H 1 -32.02 4.01 7.52
C GLU H 1 -33.21 3.39 6.82
N THR H 2 -33.44 3.66 5.55
CA THR H 2 -34.60 3.11 4.86
C THR H 2 -34.05 2.07 3.90
N SER H 3 -34.44 0.82 3.98
CA SER H 3 -33.93 -0.18 3.09
C SER H 3 -35.05 -1.00 2.51
N TYR H 4 -34.76 -1.57 1.32
CA TYR H 4 -35.68 -2.42 0.58
C TYR H 4 -34.84 -3.64 0.20
N THR H 5 -35.40 -4.83 0.30
CA THR H 5 -34.68 -6.05 0.03
C THR H 5 -35.60 -6.87 -0.87
N LEU H 6 -35.00 -7.72 -1.69
CA LEU H 6 -35.76 -8.65 -2.51
C LEU H 6 -34.91 -9.94 -2.54
N ASN H 7 -35.48 -11.13 -2.51
CA ASN H 7 -34.75 -12.38 -2.54
C ASN H 7 -35.41 -13.33 -3.55
N GLU H 8 -34.72 -14.04 -4.43
CA GLU H 8 -35.37 -14.93 -5.36
C GLU H 8 -34.43 -16.06 -5.66
N VAL H 9 -34.87 -17.31 -5.94
CA VAL H 9 -33.98 -18.41 -6.31
C VAL H 9 -33.87 -18.27 -7.81
N VAL H 10 -32.64 -18.09 -8.34
CA VAL H 10 -32.45 -17.93 -9.77
C VAL H 10 -31.34 -18.94 -10.09
N PRO H 11 -31.57 -20.15 -10.61
CA PRO H 11 -30.56 -21.06 -11.13
C PRO H 11 -29.75 -20.45 -12.29
N LEU H 12 -28.72 -19.67 -11.94
CA LEU H 12 -27.86 -19.00 -12.88
C LEU H 12 -27.37 -19.87 -13.99
N LYS H 13 -26.96 -21.10 -13.73
CA LYS H 13 -26.49 -22.04 -14.76
C LYS H 13 -27.45 -22.14 -15.91
N GLU H 14 -28.75 -22.00 -15.69
CA GLU H 14 -29.63 -22.28 -16.78
C GLU H 14 -29.93 -21.16 -17.67
N PHE H 15 -29.49 -19.99 -17.27
CA PHE H 15 -29.88 -18.81 -17.98
C PHE H 15 -28.79 -18.10 -18.73
N VAL H 16 -27.58 -18.08 -18.15
CA VAL H 16 -26.47 -17.25 -18.61
C VAL H 16 -25.29 -18.19 -19.04
N PRO H 17 -24.41 -17.76 -19.94
CA PRO H 17 -23.30 -18.58 -20.43
C PRO H 17 -22.25 -18.80 -19.33
N GLU H 18 -21.23 -19.64 -19.56
CA GLU H 18 -20.20 -19.86 -18.56
C GLU H 18 -19.34 -18.66 -18.32
N TRP H 19 -19.03 -17.94 -19.38
CA TRP H 19 -18.27 -16.70 -19.24
C TRP H 19 -19.22 -15.54 -19.56
N VAL H 20 -19.21 -14.49 -18.76
CA VAL H 20 -20.08 -13.35 -18.91
C VAL H 20 -19.30 -12.08 -18.72
N ARG H 21 -19.88 -10.96 -19.16
CA ARG H 21 -19.41 -9.68 -18.63
C ARG H 21 -20.52 -9.12 -17.74
N ILE H 22 -20.16 -8.24 -16.81
CA ILE H 22 -21.12 -7.67 -15.90
C ILE H 22 -21.01 -6.18 -16.10
N GLY H 23 -22.08 -5.42 -15.84
CA GLY H 23 -22.02 -4.00 -15.99
C GLY H 23 -23.31 -3.31 -15.56
N PHE H 24 -23.48 -2.05 -15.93
CA PHE H 24 -24.66 -1.25 -15.61
C PHE H 24 -25.31 -0.73 -16.88
N SER H 25 -26.63 -0.53 -16.94
CA SER H 25 -27.23 0.17 -18.11
C SER H 25 -28.28 1.12 -17.58
N ALA H 26 -28.52 2.23 -18.26
CA ALA H 26 -29.58 3.12 -17.88
C ALA H 26 -30.09 3.74 -19.16
N THR H 27 -31.40 4.02 -19.23
CA THR H 27 -32.05 4.69 -20.37
C THR H 27 -33.05 5.80 -19.96
N THR H 28 -33.38 6.69 -20.90
CA THR H 28 -34.43 7.68 -20.72
C THR H 28 -35.28 7.52 -21.99
N GLY H 29 -36.49 8.07 -22.04
CA GLY H 29 -37.29 7.97 -23.25
C GLY H 29 -38.02 9.29 -23.41
N ALA H 30 -39.34 9.32 -23.27
CA ALA H 30 -40.09 10.56 -23.29
C ALA H 30 -39.78 11.29 -21.99
N GLU H 31 -39.65 10.60 -20.86
CA GLU H 31 -39.24 11.29 -19.65
C GLU H 31 -37.81 10.90 -19.31
N PHE H 32 -37.15 11.72 -18.51
CA PHE H 32 -35.74 11.57 -18.26
C PHE H 32 -35.29 11.92 -16.87
N ALA H 33 -34.03 11.58 -16.58
CA ALA H 33 -33.38 11.75 -15.29
C ALA H 33 -31.92 11.35 -15.49
N ALA H 34 -30.95 11.92 -14.77
CA ALA H 34 -29.56 11.52 -14.86
C ALA H 34 -29.42 10.29 -13.99
N HIS H 35 -28.59 9.31 -14.44
CA HIS H 35 -28.31 8.06 -13.70
C HIS H 35 -26.79 7.93 -13.66
N GLU H 36 -26.22 7.97 -12.47
CA GLU H 36 -24.77 7.96 -12.27
C GLU H 36 -24.34 6.95 -11.20
N VAL H 37 -23.13 6.40 -11.29
CA VAL H 37 -22.62 5.44 -10.33
C VAL H 37 -21.36 6.09 -9.73
N LEU H 38 -21.24 5.99 -8.41
CA LEU H 38 -20.19 6.66 -7.66
C LEU H 38 -19.07 5.73 -7.24
N SER H 39 -19.35 4.47 -6.93
CA SER H 39 -18.33 3.51 -6.55
C SER H 39 -18.81 2.11 -6.87
N TRP H 40 -17.91 1.17 -7.20
CA TRP H 40 -18.25 -0.20 -7.51
C TRP H 40 -17.22 -1.18 -6.94
N TYR H 41 -17.65 -2.28 -6.34
CA TYR H 41 -16.78 -3.30 -5.78
C TYR H 41 -17.38 -4.62 -6.26
N PHE H 42 -16.60 -5.61 -6.68
CA PHE H 42 -17.09 -6.90 -7.10
C PHE H 42 -16.14 -8.02 -6.67
N HIS H 43 -16.66 -9.19 -6.36
CA HIS H 43 -15.81 -10.31 -6.04
C HIS H 43 -16.51 -11.58 -6.48
N SER H 44 -15.95 -12.50 -7.24
CA SER H 44 -16.60 -13.74 -7.52
C SER H 44 -15.64 -14.85 -7.12
N GLU H 45 -16.13 -16.05 -6.81
CA GLU H 45 -15.28 -17.13 -6.45
C GLU H 45 -15.87 -18.41 -6.99
N LEU H 46 -15.22 -19.10 -7.95
CA LEU H 46 -15.64 -20.34 -8.59
C LEU H 46 -14.64 -21.42 -8.16
N ALA H 47 -15.17 -22.42 -7.46
CA ALA H 47 -14.38 -23.57 -7.05
C ALA H 47 -14.20 -24.53 -8.25
N THR J 1 -9.53 5.05 -4.93
CA THR J 1 -8.76 3.85 -4.69
C THR J 1 -9.26 2.85 -5.68
N GLU J 2 -8.31 2.18 -6.30
CA GLU J 2 -8.62 1.17 -7.28
C GLU J 2 -7.87 -0.09 -6.97
N THR J 3 -8.48 -1.26 -6.92
CA THR J 3 -7.70 -2.44 -6.74
C THR J 3 -8.12 -3.42 -7.84
N THR J 4 -7.23 -4.28 -8.36
CA THR J 4 -7.52 -5.33 -9.33
C THR J 4 -6.97 -6.59 -8.69
N SER J 5 -7.71 -7.72 -8.61
CA SER J 5 -7.17 -8.97 -8.09
C SER J 5 -7.78 -10.11 -8.88
N PHE J 6 -7.01 -11.21 -8.96
CA PHE J 6 -7.49 -12.42 -9.59
C PHE J 6 -6.61 -13.61 -9.19
N SER J 7 -7.09 -14.86 -9.22
CA SER J 7 -6.20 -15.97 -9.16
C SER J 7 -6.77 -17.04 -10.06
N ILE J 8 -5.88 -17.84 -10.62
CA ILE J 8 -6.17 -18.97 -11.50
C ILE J 8 -5.23 -20.09 -11.01
N THR J 9 -5.83 -21.03 -10.31
CA THR J 9 -5.22 -22.24 -9.77
C THR J 9 -5.09 -23.36 -10.79
N LYS J 10 -5.90 -23.45 -11.82
CA LYS J 10 -5.74 -24.44 -12.85
C LYS J 10 -6.28 -23.71 -14.09
N PHE J 11 -5.60 -23.87 -15.23
CA PHE J 11 -6.00 -23.17 -16.45
C PHE J 11 -6.94 -24.11 -17.10
N GLY J 12 -8.00 -23.68 -17.76
CA GLY J 12 -8.98 -24.62 -18.26
C GLY J 12 -8.96 -24.54 -19.76
N PRO J 13 -9.65 -25.33 -20.58
CA PRO J 13 -9.56 -25.26 -22.03
C PRO J 13 -9.90 -23.91 -22.65
N ASP J 14 -10.80 -23.12 -22.04
CA ASP J 14 -11.15 -21.88 -22.67
C ASP J 14 -11.03 -20.76 -21.63
N GLN J 15 -9.82 -20.27 -21.45
CA GLN J 15 -9.52 -19.30 -20.41
C GLN J 15 -9.71 -17.87 -20.98
N GLN J 16 -10.94 -17.39 -20.94
CA GLN J 16 -11.37 -16.17 -21.62
C GLN J 16 -10.87 -14.91 -20.98
N ASN J 17 -10.28 -14.94 -19.80
CA ASN J 17 -9.78 -13.68 -19.24
C ASN J 17 -8.31 -13.46 -19.54
N LEU J 18 -7.76 -14.19 -20.50
CA LEU J 18 -6.37 -14.09 -20.88
C LEU J 18 -6.31 -13.81 -22.36
N ILE J 19 -5.30 -13.09 -22.82
CA ILE J 19 -5.05 -12.82 -24.22
C ILE J 19 -3.83 -13.69 -24.58
N PHE J 20 -3.89 -14.43 -25.67
CA PHE J 20 -2.85 -15.41 -26.02
C PHE J 20 -2.09 -14.84 -27.18
N GLN J 21 -0.76 -14.83 -27.17
CA GLN J 21 -0.03 -14.32 -28.31
C GLN J 21 1.01 -15.36 -28.71
N GLY J 22 1.51 -15.37 -29.92
CA GLY J 22 2.52 -16.34 -30.29
C GLY J 22 1.91 -17.72 -30.24
N ASP J 23 2.63 -18.73 -29.72
CA ASP J 23 2.08 -20.06 -29.61
C ASP J 23 1.49 -20.34 -28.20
N GLY J 24 1.17 -19.33 -27.39
CA GLY J 24 0.65 -19.60 -26.08
C GLY J 24 -0.73 -20.24 -26.16
N TYR J 25 -1.06 -21.26 -25.37
CA TYR J 25 -2.42 -21.80 -25.30
C TYR J 25 -2.50 -22.54 -24.02
N THR J 26 -3.64 -23.09 -23.75
CA THR J 26 -3.84 -23.82 -22.52
C THR J 26 -3.99 -25.29 -22.83
N THR J 27 -3.44 -26.21 -22.02
CA THR J 27 -3.66 -27.63 -22.18
C THR J 27 -3.30 -28.35 -20.89
N LYS J 28 -3.92 -29.49 -20.60
CA LYS J 28 -3.72 -30.29 -19.40
C LYS J 28 -3.56 -29.48 -18.12
N GLU J 29 -4.46 -28.50 -18.00
CA GLU J 29 -4.60 -27.58 -16.90
C GLU J 29 -3.47 -26.62 -16.69
N ARG J 30 -2.65 -26.47 -17.73
CA ARG J 30 -1.47 -25.60 -17.76
C ARG J 30 -1.61 -24.55 -18.82
N LEU J 31 -0.92 -23.43 -18.59
CA LEU J 31 -0.72 -22.40 -19.61
C LEU J 31 0.60 -22.80 -20.33
N THR J 32 0.67 -23.18 -21.62
CA THR J 32 1.90 -23.56 -22.30
C THR J 32 2.31 -22.36 -23.12
N LEU J 33 3.52 -21.87 -22.90
CA LEU J 33 4.03 -20.73 -23.63
C LEU J 33 4.90 -21.22 -24.76
N THR J 34 5.71 -22.27 -24.57
CA THR J 34 6.48 -22.89 -25.66
C THR J 34 6.52 -24.37 -25.36
N LYS J 35 6.56 -25.18 -26.43
CA LYS J 35 6.89 -26.62 -26.40
C LYS J 35 8.40 -26.72 -26.61
N ALA J 36 9.03 -27.90 -26.56
CA ALA J 36 10.46 -27.97 -26.68
C ALA J 36 10.81 -28.03 -28.13
N VAL J 37 10.81 -26.90 -28.82
CA VAL J 37 11.05 -26.88 -30.27
C VAL J 37 11.80 -25.60 -30.60
N ARG J 38 12.57 -25.55 -31.68
CA ARG J 38 13.40 -24.38 -31.95
C ARG J 38 12.62 -23.16 -32.37
N ASN J 39 13.19 -22.01 -32.09
CA ASN J 39 12.69 -20.74 -32.54
C ASN J 39 11.21 -20.42 -32.41
N THR J 40 10.56 -20.59 -31.25
CA THR J 40 9.19 -20.09 -31.08
C THR J 40 9.11 -19.03 -29.98
N VAL J 41 7.95 -18.42 -29.85
CA VAL J 41 7.65 -17.45 -28.81
C VAL J 41 6.18 -17.68 -28.34
N GLY J 42 5.83 -17.48 -27.07
CA GLY J 42 4.48 -17.60 -26.60
C GLY J 42 4.37 -16.60 -25.49
N ARG J 43 3.26 -15.91 -25.37
CA ARG J 43 3.04 -14.92 -24.35
C ARG J 43 1.56 -15.05 -23.98
N ALA J 44 1.17 -14.64 -22.79
CA ALA J 44 -0.23 -14.61 -22.36
C ALA J 44 -0.35 -13.39 -21.47
N LEU J 45 -1.42 -12.62 -21.63
CA LEU J 45 -1.63 -11.37 -20.89
C LEU J 45 -2.96 -11.45 -20.13
N TYR J 46 -3.09 -10.81 -18.93
CA TYR J 46 -4.36 -10.75 -18.23
C TYR J 46 -5.16 -9.75 -19.03
N SER J 47 -6.44 -10.00 -19.28
CA SER J 47 -7.10 -9.14 -20.23
C SER J 47 -7.50 -7.77 -19.69
N SER J 48 -7.74 -7.48 -18.41
CA SER J 48 -8.06 -6.13 -17.99
C SER J 48 -6.76 -5.31 -17.89
N PRO J 49 -6.71 -4.05 -18.36
CA PRO J 49 -5.74 -3.04 -17.97
C PRO J 49 -5.66 -2.88 -16.44
N ILE J 50 -4.42 -2.61 -15.93
CA ILE J 50 -4.09 -2.45 -14.51
C ILE J 50 -3.66 -1.00 -14.43
N HIS J 51 -4.13 -0.24 -13.43
CA HIS J 51 -3.81 1.16 -13.29
C HIS J 51 -2.61 1.13 -12.38
N ILE J 52 -1.43 1.36 -12.89
CA ILE J 52 -0.24 1.22 -12.08
C ILE J 52 0.22 2.56 -11.44
N TRP J 53 -0.06 3.72 -12.02
CA TRP J 53 0.27 4.98 -11.40
C TRP J 53 -0.72 5.97 -11.96
N ASP J 54 -0.86 7.12 -11.33
CA ASP J 54 -1.79 8.12 -11.81
C ASP J 54 -1.15 9.50 -11.88
N SER J 55 -1.04 10.13 -13.06
CA SER J 55 -0.40 11.43 -13.12
C SER J 55 -1.26 12.51 -12.53
N LYS J 56 -2.57 12.31 -12.35
CA LYS J 56 -3.34 13.34 -11.67
C LYS J 56 -2.90 13.37 -10.20
N THR J 57 -2.59 12.30 -9.44
CA THR J 57 -2.17 12.45 -8.04
C THR J 57 -0.70 12.21 -7.74
N GLY J 58 0.02 11.64 -8.71
CA GLY J 58 1.39 11.23 -8.48
C GLY J 58 1.45 9.92 -7.75
N ASN J 59 0.34 9.28 -7.37
CA ASN J 59 0.32 8.00 -6.69
C ASN J 59 0.73 6.85 -7.61
N VAL J 60 1.42 5.85 -7.06
CA VAL J 60 1.95 4.70 -7.77
C VAL J 60 1.37 3.54 -6.97
N ALA J 61 1.06 2.44 -7.62
CA ALA J 61 0.49 1.28 -6.99
C ALA J 61 1.52 0.39 -6.35
N ASN J 62 1.09 -0.33 -5.32
CA ASN J 62 1.77 -1.47 -4.80
C ASN J 62 1.24 -2.71 -5.52
N PHE J 63 1.98 -3.79 -5.77
CA PHE J 63 1.43 -5.02 -6.33
C PHE J 63 2.19 -6.22 -5.87
N VAL J 64 1.56 -7.39 -5.93
CA VAL J 64 2.18 -8.65 -5.55
C VAL J 64 1.67 -9.70 -6.55
N THR J 65 2.50 -10.59 -7.08
CA THR J 65 2.09 -11.66 -7.95
C THR J 65 2.87 -12.90 -7.50
N SER J 66 2.25 -14.09 -7.47
CA SER J 66 3.00 -15.31 -7.27
C SER J 66 2.58 -16.30 -8.34
N PHE J 67 3.48 -17.15 -8.81
CA PHE J 67 3.13 -18.10 -9.84
C PHE J 67 4.02 -19.31 -9.68
N THR J 68 3.63 -20.46 -10.21
CA THR J 68 4.42 -21.68 -10.26
C THR J 68 4.68 -21.96 -11.73
N PHE J 69 5.93 -22.17 -12.16
CA PHE J 69 6.24 -22.49 -13.54
C PHE J 69 7.27 -23.65 -13.61
N VAL J 70 7.38 -24.32 -14.76
CA VAL J 70 8.26 -25.46 -14.95
C VAL J 70 9.02 -25.19 -16.22
N ILE J 71 10.35 -25.42 -16.29
CA ILE J 71 11.07 -25.39 -17.54
C ILE J 71 11.42 -26.87 -17.72
N ASP J 72 11.08 -27.43 -18.88
CA ASP J 72 11.35 -28.81 -19.15
C ASP J 72 12.19 -28.95 -20.39
N ALA J 73 13.47 -29.22 -20.20
CA ALA J 73 14.44 -29.35 -21.28
C ALA J 73 14.83 -30.82 -21.51
N PRO J 74 15.13 -31.28 -22.73
CA PRO J 74 15.59 -32.64 -23.04
C PRO J 74 16.77 -33.07 -22.18
N ASN J 75 17.85 -32.31 -22.18
CA ASN J 75 18.92 -32.65 -21.26
C ASN J 75 19.14 -31.40 -20.44
N SER J 76 20.02 -31.35 -19.44
CA SER J 76 20.24 -30.15 -18.66
C SER J 76 21.36 -29.27 -19.18
N TYR J 77 22.04 -29.61 -20.28
CA TYR J 77 23.13 -28.81 -20.80
C TYR J 77 22.71 -27.87 -21.93
N ASN J 78 21.76 -28.25 -22.76
CA ASN J 78 21.41 -27.36 -23.84
C ASN J 78 20.02 -26.82 -23.54
N VAL J 79 19.87 -25.71 -22.81
CA VAL J 79 18.55 -25.20 -22.53
C VAL J 79 18.51 -23.73 -22.92
N ALA J 80 17.45 -23.26 -23.57
CA ALA J 80 17.30 -21.86 -23.95
C ALA J 80 15.83 -21.52 -24.23
N ASP J 81 15.35 -20.30 -24.32
CA ASP J 81 16.05 -19.10 -23.88
C ASP J 81 15.65 -18.54 -22.55
N GLY J 82 14.46 -18.88 -22.07
CA GLY J 82 14.02 -18.46 -20.74
C GLY J 82 12.58 -17.95 -20.79
N PHE J 83 12.20 -17.42 -19.64
CA PHE J 83 10.83 -17.03 -19.27
C PHE J 83 10.82 -15.62 -18.60
N THR J 84 9.74 -14.84 -18.70
CA THR J 84 9.67 -13.46 -18.18
C THR J 84 8.32 -13.23 -17.52
N PHE J 85 8.26 -12.44 -16.46
CA PHE J 85 7.00 -11.83 -16.06
C PHE J 85 7.25 -10.39 -16.48
N PHE J 86 6.33 -9.64 -17.13
CA PHE J 86 6.54 -8.29 -17.64
C PHE J 86 5.27 -7.46 -17.48
N ILE J 87 5.53 -6.15 -17.56
CA ILE J 87 4.60 -5.05 -17.44
C ILE J 87 4.87 -4.21 -18.66
N ALA J 88 3.87 -3.88 -19.47
CA ALA J 88 4.13 -3.21 -20.73
C ALA J 88 2.90 -2.41 -21.11
N PRO J 89 2.94 -1.52 -22.10
CA PRO J 89 1.77 -0.83 -22.61
C PRO J 89 0.59 -1.79 -22.89
N VAL J 90 -0.65 -1.29 -22.82
CA VAL J 90 -1.85 -2.10 -23.01
C VAL J 90 -1.92 -2.81 -24.35
N ASP J 91 -1.42 -2.16 -25.37
CA ASP J 91 -1.42 -2.79 -26.65
C ASP J 91 -0.12 -3.52 -26.97
N THR J 92 0.57 -4.03 -25.96
CA THR J 92 1.76 -4.86 -26.19
C THR J 92 1.58 -6.10 -27.09
N LYS J 93 2.54 -6.32 -28.00
CA LYS J 93 2.55 -7.41 -28.93
C LYS J 93 3.96 -8.02 -28.86
N PRO J 94 4.20 -9.30 -29.24
CA PRO J 94 5.48 -9.99 -29.10
C PRO J 94 6.65 -9.21 -29.72
N GLN J 95 7.79 -9.04 -29.08
CA GLN J 95 8.90 -8.33 -29.71
C GLN J 95 9.90 -9.34 -30.29
N THR J 96 11.21 -9.14 -30.27
CA THR J 96 12.19 -10.09 -30.85
C THR J 96 12.28 -11.40 -30.09
N GLY J 97 12.45 -12.51 -30.77
CA GLY J 97 12.52 -13.79 -30.11
C GLY J 97 13.96 -14.17 -29.72
N GLY J 98 14.18 -15.44 -29.49
CA GLY J 98 15.48 -15.92 -29.11
C GLY J 98 15.93 -15.29 -27.83
N GLY J 99 17.17 -14.82 -27.80
CA GLY J 99 17.73 -14.29 -26.59
C GLY J 99 17.08 -13.05 -25.99
N TYR J 100 16.34 -12.33 -26.81
CA TYR J 100 15.61 -11.14 -26.38
C TYR J 100 14.28 -11.45 -25.68
N LEU J 101 13.91 -12.74 -25.52
CA LEU J 101 12.79 -13.22 -24.70
C LEU J 101 11.37 -12.76 -25.04
N GLY J 102 11.20 -12.20 -26.24
CA GLY J 102 9.92 -11.83 -26.79
C GLY J 102 9.41 -10.55 -26.19
N VAL J 103 10.28 -9.82 -25.50
CA VAL J 103 9.83 -8.68 -24.76
C VAL J 103 10.70 -7.46 -25.09
N PHE J 104 11.94 -7.60 -25.62
CA PHE J 104 12.78 -6.44 -25.92
C PHE J 104 13.42 -6.61 -27.27
N ASN J 105 14.04 -5.56 -27.76
CA ASN J 105 14.63 -5.60 -29.10
C ASN J 105 16.09 -5.15 -29.07
N SER J 106 16.65 -4.66 -27.95
CA SER J 106 17.99 -4.11 -27.98
C SER J 106 18.61 -4.27 -26.62
N LYS J 107 19.96 -4.16 -26.60
CA LYS J 107 20.69 -4.18 -25.34
C LYS J 107 20.90 -2.80 -24.79
N ASP J 108 20.68 -1.78 -25.60
CA ASP J 108 20.76 -0.40 -25.13
C ASP J 108 19.43 0.05 -24.58
N TYR J 109 19.43 1.04 -23.68
CA TYR J 109 18.22 1.49 -23.04
C TYR J 109 17.34 2.13 -24.08
N ASP J 110 16.16 1.54 -24.32
CA ASP J 110 15.17 2.08 -25.22
C ASP J 110 13.94 2.63 -24.46
N LYS J 111 13.82 3.95 -24.39
CA LYS J 111 12.73 4.58 -23.68
C LYS J 111 11.37 4.36 -24.33
N THR J 112 11.24 4.14 -25.63
CA THR J 112 9.95 3.89 -26.21
C THR J 112 9.45 2.48 -25.87
N SER J 113 10.29 1.60 -25.28
CA SER J 113 9.88 0.25 -24.93
C SER J 113 8.79 0.27 -23.86
N GLN J 114 8.95 1.11 -22.86
CA GLN J 114 8.06 1.20 -21.72
C GLN J 114 7.73 -0.14 -21.06
N THR J 115 8.69 -1.09 -21.02
CA THR J 115 8.47 -2.34 -20.34
C THR J 115 9.61 -2.69 -19.39
N VAL J 116 9.10 -3.24 -18.28
CA VAL J 116 9.96 -3.83 -17.24
C VAL J 116 9.56 -5.29 -17.08
N ALA J 117 10.59 -6.13 -17.08
CA ALA J 117 10.44 -7.57 -16.98
C ALA J 117 11.35 -8.20 -15.93
N VAL J 118 10.92 -9.23 -15.20
CA VAL J 118 11.81 -10.04 -14.36
C VAL J 118 12.13 -11.28 -15.24
N GLU J 119 13.36 -11.51 -15.71
CA GLU J 119 13.66 -12.70 -16.50
C GLU J 119 14.24 -13.87 -15.72
N PHE J 120 14.01 -15.09 -16.19
CA PHE J 120 14.55 -16.35 -15.69
C PHE J 120 15.21 -16.90 -16.95
N ASP J 121 16.50 -16.55 -17.03
CA ASP J 121 17.29 -16.72 -18.24
C ASP J 121 18.21 -17.90 -18.20
N THR J 122 18.00 -18.81 -19.13
CA THR J 122 18.70 -20.07 -19.13
C THR J 122 19.80 -20.21 -20.18
N PHE J 123 20.18 -19.21 -20.98
CA PHE J 123 21.15 -19.42 -22.04
C PHE J 123 22.05 -18.21 -22.00
N TYR J 124 23.37 -18.39 -21.96
CA TYR J 124 24.30 -17.25 -21.97
C TYR J 124 24.57 -16.64 -23.36
N ASN J 125 24.15 -15.40 -23.51
CA ASN J 125 24.31 -14.61 -24.71
C ASN J 125 25.49 -13.68 -24.40
N THR J 126 26.59 -13.80 -25.13
CA THR J 126 27.85 -13.13 -24.79
C THR J 126 27.74 -11.63 -24.84
N ALA J 127 26.92 -11.10 -25.75
CA ALA J 127 26.85 -9.66 -25.87
C ALA J 127 26.18 -8.90 -24.72
N TRP J 128 25.50 -9.55 -23.75
CA TRP J 128 24.92 -8.78 -22.66
C TRP J 128 24.81 -9.54 -21.38
N ASP J 129 24.92 -10.87 -21.42
CA ASP J 129 24.66 -11.58 -20.19
C ASP J 129 25.91 -11.59 -19.34
N PRO J 130 25.78 -11.89 -18.05
CA PRO J 130 26.90 -12.10 -17.14
C PRO J 130 27.99 -13.01 -17.65
N SER J 131 29.21 -12.47 -17.75
CA SER J 131 30.38 -13.15 -18.32
C SER J 131 30.80 -14.45 -17.67
N ASN J 132 30.31 -14.74 -16.48
CA ASN J 132 30.58 -16.03 -15.88
C ASN J 132 29.86 -17.17 -16.60
N GLY J 133 28.90 -16.89 -17.51
CA GLY J 133 28.19 -17.93 -18.22
C GLY J 133 27.06 -18.58 -17.44
N ASP J 134 26.78 -18.14 -16.21
CA ASP J 134 25.73 -18.68 -15.38
C ASP J 134 24.27 -18.39 -15.77
N ARG J 135 23.37 -19.30 -15.43
CA ARG J 135 21.94 -19.06 -15.59
C ARG J 135 21.58 -18.10 -14.46
N HIS J 136 20.59 -17.23 -14.73
CA HIS J 136 20.28 -16.17 -13.79
C HIS J 136 18.86 -15.59 -13.82
N ILE J 137 18.56 -14.95 -12.70
CA ILE J 137 17.37 -14.14 -12.53
C ILE J 137 17.85 -12.69 -12.78
N GLY J 138 17.21 -11.87 -13.59
CA GLY J 138 17.58 -10.48 -13.81
C GLY J 138 16.35 -9.57 -13.84
N ILE J 139 16.49 -8.29 -13.55
CA ILE J 139 15.39 -7.31 -13.59
C ILE J 139 15.79 -6.46 -14.79
N ASP J 140 14.90 -6.38 -15.77
CA ASP J 140 15.14 -5.66 -17.00
C ASP J 140 14.33 -4.38 -17.16
N VAL J 141 14.87 -3.15 -17.39
CA VAL J 141 13.99 -2.05 -17.69
C VAL J 141 14.46 -1.52 -19.01
N ASN J 142 13.54 -1.52 -19.95
CA ASN J 142 13.72 -1.04 -21.30
C ASN J 142 14.88 -1.63 -22.10
N SER J 143 15.39 -2.78 -21.70
CA SER J 143 16.55 -3.42 -22.32
C SER J 143 16.70 -4.87 -21.84
N ILE J 144 17.29 -5.73 -22.69
CA ILE J 144 17.56 -7.09 -22.37
C ILE J 144 18.83 -7.26 -21.50
N LYS J 145 19.63 -6.19 -21.39
CA LYS J 145 20.79 -6.20 -20.51
C LYS J 145 20.28 -5.80 -19.12
N SER J 146 20.17 -6.69 -18.12
CA SER J 146 19.59 -6.44 -16.80
C SER J 146 20.39 -5.43 -16.01
N ILE J 147 19.72 -4.73 -15.10
CA ILE J 147 20.37 -3.76 -14.24
C ILE J 147 20.89 -4.54 -13.05
N ASN J 148 20.46 -5.78 -12.78
CA ASN J 148 20.95 -6.54 -11.66
C ASN J 148 20.59 -7.97 -11.96
N THR J 149 21.40 -8.92 -11.48
CA THR J 149 21.34 -10.36 -11.81
C THR J 149 21.63 -11.18 -10.54
N LYS J 150 21.09 -12.38 -10.34
CA LYS J 150 21.42 -13.28 -9.24
C LYS J 150 21.59 -14.62 -9.95
N SER J 151 22.66 -15.42 -9.78
CA SER J 151 22.79 -16.73 -10.43
C SER J 151 21.79 -17.65 -9.78
N TRP J 152 21.29 -18.55 -10.61
CA TRP J 152 20.30 -19.53 -10.17
C TRP J 152 20.63 -20.83 -10.87
N ALA J 153 20.57 -21.90 -10.09
CA ALA J 153 20.74 -23.22 -10.67
C ALA J 153 19.37 -23.80 -11.01
N LEU J 154 19.16 -23.93 -12.32
CA LEU J 154 18.00 -24.58 -12.92
C LEU J 154 17.85 -26.02 -12.42
N GLN J 155 16.64 -26.40 -11.98
CA GLN J 155 16.33 -27.78 -11.68
C GLN J 155 15.33 -28.13 -12.77
N ASN J 156 15.87 -28.77 -13.80
CA ASN J 156 15.08 -29.11 -14.97
C ASN J 156 13.87 -29.93 -14.60
N GLY J 157 12.72 -29.72 -15.19
CA GLY J 157 11.52 -30.50 -14.90
C GLY J 157 10.92 -30.23 -13.52
N LYS J 158 11.47 -29.37 -12.65
CA LYS J 158 10.87 -29.08 -11.37
C LYS J 158 10.08 -27.77 -11.26
N GLU J 159 9.15 -27.76 -10.34
CA GLU J 159 8.34 -26.59 -10.08
C GLU J 159 9.06 -25.53 -9.31
N ALA J 160 9.05 -24.31 -9.82
CA ALA J 160 9.64 -23.18 -9.13
C ALA J 160 8.46 -22.35 -8.70
N ASN J 161 8.43 -21.85 -7.47
CA ASN J 161 7.35 -20.99 -7.03
C ASN J 161 7.94 -19.63 -6.94
N VAL J 162 7.41 -18.58 -7.57
CA VAL J 162 8.03 -17.28 -7.43
C VAL J 162 7.02 -16.27 -6.93
N VAL J 163 7.48 -15.31 -6.15
CA VAL J 163 6.67 -14.19 -5.66
C VAL J 163 7.42 -12.99 -6.16
N ILE J 164 6.74 -11.98 -6.75
CA ILE J 164 7.38 -10.73 -7.13
C ILE J 164 6.53 -9.66 -6.46
N ALA J 165 7.09 -8.63 -5.84
CA ALA J 165 6.26 -7.63 -5.20
C ALA J 165 6.91 -6.29 -5.34
N PHE J 166 6.10 -5.24 -5.48
CA PHE J 166 6.60 -3.89 -5.63
C PHE J 166 5.97 -3.07 -4.53
N ASN J 167 6.76 -2.21 -3.87
CA ASN J 167 6.25 -1.38 -2.84
C ASN J 167 6.48 -0.01 -3.41
N ALA J 168 5.46 0.81 -3.69
CA ALA J 168 5.65 2.14 -4.25
C ALA J 168 6.31 3.19 -3.36
N ALA J 169 6.11 3.11 -2.05
CA ALA J 169 6.71 4.06 -1.11
C ALA J 169 8.23 4.01 -1.16
N THR J 170 8.84 2.86 -1.34
CA THR J 170 10.28 2.72 -1.32
C THR J 170 10.77 2.39 -2.68
N ASN J 171 9.93 2.24 -3.68
CA ASN J 171 10.26 1.76 -5.02
C ASN J 171 11.11 0.53 -5.11
N VAL J 172 10.90 -0.38 -4.21
CA VAL J 172 11.67 -1.59 -4.18
C VAL J 172 10.90 -2.71 -4.90
N LEU J 173 11.56 -3.41 -5.83
CA LEU J 173 10.98 -4.56 -6.48
C LEU J 173 11.72 -5.75 -5.86
N THR J 174 11.05 -6.79 -5.35
CA THR J 174 11.70 -7.96 -4.83
C THR J 174 11.26 -9.19 -5.62
N VAL J 175 12.18 -10.08 -5.96
CA VAL J 175 11.87 -11.32 -6.64
C VAL J 175 12.35 -12.47 -5.76
N SER J 176 11.56 -13.50 -5.52
CA SER J 176 11.98 -14.63 -4.74
C SER J 176 11.68 -15.85 -5.55
N LEU J 177 12.54 -16.84 -5.81
CA LEU J 177 12.14 -18.10 -6.43
C LEU J 177 12.55 -19.20 -5.44
N THR J 178 11.70 -20.20 -5.24
CA THR J 178 11.95 -21.32 -4.34
C THR J 178 11.70 -22.64 -5.05
N TYR J 179 12.63 -23.61 -4.99
CA TYR J 179 12.32 -24.99 -5.37
C TYR J 179 11.97 -25.72 -4.08
N PRO J 180 11.11 -26.75 -4.09
CA PRO J 180 10.67 -27.54 -2.94
C PRO J 180 11.61 -28.51 -2.23
N THR K 2 15.49 -24.50 -1.99
CA THR K 2 16.63 -23.68 -2.34
C THR K 2 15.95 -22.40 -2.72
N SER K 3 16.37 -21.23 -2.27
CA SER K 3 15.74 -19.98 -2.60
C SER K 3 16.78 -19.05 -3.16
N TYR K 4 16.36 -18.14 -4.03
CA TYR K 4 17.19 -17.17 -4.68
C TYR K 4 16.39 -15.88 -4.54
N THR K 5 16.95 -14.79 -4.03
CA THR K 5 16.25 -13.55 -3.88
C THR K 5 17.02 -12.48 -4.64
N LEU K 6 16.33 -11.46 -5.10
CA LEU K 6 16.95 -10.31 -5.73
C LEU K 6 16.08 -9.08 -5.38
N ASN K 7 16.55 -7.89 -5.05
CA ASN K 7 15.66 -6.75 -4.94
C ASN K 7 16.35 -5.57 -5.53
N GLU K 8 15.67 -4.52 -5.90
CA GLU K 8 16.31 -3.43 -6.59
C GLU K 8 15.33 -2.28 -6.53
N VAL K 9 15.81 -1.05 -6.56
CA VAL K 9 14.95 0.13 -6.51
C VAL K 9 14.64 0.34 -7.96
N VAL K 10 13.37 0.29 -8.36
CA VAL K 10 13.02 0.60 -9.72
C VAL K 10 11.84 1.56 -9.58
N PRO K 11 12.05 2.82 -9.92
CA PRO K 11 10.98 3.79 -9.98
C PRO K 11 10.03 3.55 -11.15
N LEU K 12 9.09 2.60 -10.99
CA LEU K 12 8.19 2.22 -12.07
C LEU K 12 7.51 3.34 -12.81
N LYS K 13 7.02 4.44 -12.21
CA LYS K 13 6.36 5.47 -12.98
C LYS K 13 7.29 6.20 -13.91
N GLU K 14 8.62 6.02 -13.80
CA GLU K 14 9.49 6.59 -14.80
C GLU K 14 9.56 5.71 -16.05
N PHE K 15 9.23 4.41 -16.01
CA PHE K 15 9.42 3.57 -17.17
C PHE K 15 8.14 3.09 -17.83
N VAL K 16 7.05 2.86 -17.09
CA VAL K 16 5.82 2.30 -17.71
C VAL K 16 4.69 3.33 -17.88
N PRO K 17 3.66 3.17 -18.78
CA PRO K 17 2.52 4.07 -18.89
C PRO K 17 1.61 3.98 -17.65
N GLU K 18 0.59 4.84 -17.51
CA GLU K 18 -0.28 4.83 -16.34
C GLU K 18 -1.15 3.57 -16.26
N TRP K 19 -1.57 3.08 -17.43
CA TRP K 19 -2.31 1.85 -17.51
C TRP K 19 -1.40 0.88 -18.27
N VAL K 20 -1.31 -0.36 -17.79
CA VAL K 20 -0.50 -1.46 -18.31
C VAL K 20 -1.27 -2.78 -18.45
N ARG K 21 -0.75 -3.73 -19.22
CA ARG K 21 -1.13 -5.11 -19.17
C ARG K 21 0.11 -5.88 -18.59
N ILE K 22 -0.13 -6.96 -17.86
CA ILE K 22 0.88 -7.80 -17.25
C ILE K 22 0.79 -9.17 -17.92
N GLY K 23 1.87 -9.94 -18.06
CA GLY K 23 1.73 -11.25 -18.63
C GLY K 23 3.04 -12.00 -18.55
N PHE K 24 3.19 -13.05 -19.30
CA PHE K 24 4.36 -13.90 -19.24
C PHE K 24 4.79 -14.05 -20.69
N SER K 25 6.08 -14.21 -20.88
CA SER K 25 6.66 -14.45 -22.19
C SER K 25 7.68 -15.58 -22.04
N ALA K 26 7.93 -16.34 -23.09
CA ALA K 26 9.00 -17.31 -23.08
C ALA K 26 9.39 -17.51 -24.52
N THR K 27 10.69 -17.77 -24.79
CA THR K 27 11.18 -18.07 -26.15
C THR K 27 12.19 -19.24 -26.20
N THR K 28 12.41 -19.75 -27.41
CA THR K 28 13.49 -20.68 -27.69
C THR K 28 14.21 -20.17 -28.92
N GLY K 29 15.45 -20.56 -29.21
CA GLY K 29 16.14 -20.11 -30.41
C GLY K 29 16.71 -21.40 -31.01
N ALA K 30 18.05 -21.42 -31.22
CA ALA K 30 18.80 -22.63 -31.62
C ALA K 30 18.70 -23.65 -30.49
N GLU K 31 18.60 -23.30 -29.20
CA GLU K 31 18.33 -24.29 -28.17
C GLU K 31 16.95 -24.01 -27.59
N PHE K 32 16.40 -24.94 -26.82
CA PHE K 32 14.98 -24.91 -26.47
C PHE K 32 14.65 -25.65 -25.19
N ALA K 33 13.44 -25.46 -24.72
CA ALA K 33 12.86 -26.15 -23.59
C ALA K 33 11.35 -25.89 -23.67
N ALA K 34 10.51 -26.67 -23.01
CA ALA K 34 9.10 -26.33 -22.80
C ALA K 34 9.00 -25.35 -21.62
N HIS K 35 8.12 -24.36 -21.71
CA HIS K 35 7.95 -23.37 -20.67
C HIS K 35 6.46 -23.31 -20.36
N GLU K 36 6.05 -23.65 -19.13
CA GLU K 36 4.67 -23.75 -18.72
C GLU K 36 4.46 -23.13 -17.36
N VAL K 37 3.23 -22.63 -17.20
CA VAL K 37 2.75 -21.99 -15.97
C VAL K 37 1.57 -22.81 -15.38
N LEU K 38 1.70 -23.07 -14.09
CA LEU K 38 0.77 -23.91 -13.38
C LEU K 38 -0.26 -23.16 -12.57
N SER K 39 0.01 -21.95 -12.07
CA SER K 39 -1.01 -21.16 -11.38
C SER K 39 -0.53 -19.71 -11.34
N TRP K 40 -1.44 -18.74 -11.16
CA TRP K 40 -1.10 -17.33 -11.13
C TRP K 40 -2.03 -16.53 -10.19
N TYR K 41 -1.46 -15.66 -9.38
CA TYR K 41 -2.22 -14.87 -8.48
C TYR K 41 -1.75 -13.46 -8.63
N PHE K 42 -2.60 -12.42 -8.68
CA PHE K 42 -2.13 -11.05 -8.75
C PHE K 42 -2.97 -10.09 -7.89
N HIS K 43 -2.42 -9.07 -7.26
CA HIS K 43 -3.22 -8.10 -6.56
C HIS K 43 -2.54 -6.77 -6.75
N SER K 44 -3.14 -5.63 -7.14
CA SER K 44 -2.52 -4.33 -7.11
C SER K 44 -3.50 -3.45 -6.35
N GLU K 45 -3.06 -2.31 -5.88
CA GLU K 45 -3.91 -1.40 -5.14
C GLU K 45 -3.31 -0.06 -5.39
N LEU K 46 -4.13 0.94 -5.73
CA LEU K 46 -3.64 2.25 -6.01
C LEU K 46 -4.47 3.22 -5.22
N ALA K 47 -3.83 4.04 -4.41
CA ALA K 47 -4.52 5.03 -3.61
C ALA K 47 -4.97 6.15 -4.54
N GLY K 48 -6.17 6.65 -4.33
CA GLY K 48 -6.68 7.57 -5.27
C GLY K 48 -7.55 8.35 -4.37
#